data_3L3T
#
_entry.id   3L3T
#
_cell.length_a   92.793
_cell.length_b   130.067
_cell.length_c   132.338
_cell.angle_alpha   90.000
_cell.angle_beta   90.000
_cell.angle_gamma   90.000
#
_symmetry.space_group_name_H-M   'P 2 21 21'
#
loop_
_entity.id
_entity.type
_entity.pdbx_description
1 polymer 'PRSS3 protein'
2 polymer 'Protein APP'
3 non-polymer 'FORMIC ACID'
4 non-polymer 'CALCIUM ION'
5 water water
#
loop_
_entity_poly.entity_id
_entity_poly.type
_entity_poly.pdbx_seq_one_letter_code
_entity_poly.pdbx_strand_id
1 'polypeptide(L)'
;IVGGYTCEENSLPYQVSLNSGSHFCGGSLISEQWVVSAAHCYKTRIQVRLGEHNIKVLEGNEQFINAAKIIRHPKYNRDT
LDNDIMLIKLSSPAVINARVSTISLPTAPPAAGTECLISGWGNTLSFGADYPDELKCLDAPVLTQAECKASYPGKITNSM
FCVGFLEGGKDSCQRDAGGPVVCNGQLQGVVSWGHGCAWKNRPGVYTKVYNYVDWIKDTIAANS
;
A,B,C,D
2 'polypeptide(L)' EVCSEQAETGPCKAMISRWYFDVTEGKCAPFFYGGCGGNRNNFDTEEYCMAVCGSAI E,F,G,H
#
loop_
_chem_comp.id
_chem_comp.type
_chem_comp.name
_chem_comp.formula
CA non-polymer 'CALCIUM ION' 'Ca 2'
FMT non-polymer 'FORMIC ACID' 'C H2 O2'
#
# COMPACT_ATOMS: atom_id res chain seq x y z
N ILE A 1 10.78 22.16 -11.39
CA ILE A 1 10.66 22.02 -12.84
C ILE A 1 11.21 23.26 -13.53
N VAL A 2 12.21 23.06 -14.39
CA VAL A 2 12.76 24.16 -15.16
C VAL A 2 12.21 24.20 -16.58
N GLY A 3 11.57 25.32 -16.94
CA GLY A 3 11.07 25.50 -18.28
C GLY A 3 9.67 24.98 -18.49
N GLY A 4 8.95 24.76 -17.40
CA GLY A 4 7.62 24.19 -17.45
C GLY A 4 6.56 25.26 -17.33
N TYR A 5 5.35 24.87 -16.92
CA TYR A 5 4.25 25.80 -16.74
C TYR A 5 3.48 25.41 -15.49
N THR A 6 2.66 26.31 -14.96
CA THR A 6 1.88 26.01 -13.77
C THR A 6 0.69 25.14 -14.14
N CYS A 7 0.46 24.09 -13.36
CA CYS A 7 -0.63 23.16 -13.63
C CYS A 7 -2.00 23.75 -13.29
N GLU A 8 -3.04 23.36 -14.02
CA GLU A 8 -4.41 23.61 -13.56
C GLU A 8 -4.55 23.05 -12.15
N GLU A 9 -5.33 23.72 -11.31
CA GLU A 9 -5.42 23.36 -9.90
C GLU A 9 -5.97 21.94 -9.65
N ASN A 10 -7.01 21.56 -10.37
CA ASN A 10 -7.41 20.15 -10.34
C ASN A 10 -6.26 19.26 -10.83
N SER A 11 -6.26 18.99 -12.13
CA SER A 11 -5.13 18.44 -12.86
C SER A 11 -4.52 17.10 -12.43
N LEU A 12 -3.64 17.12 -11.43
CA LEU A 12 -2.83 15.93 -11.10
CA LEU A 12 -2.83 15.94 -11.10
C LEU A 12 -3.12 15.41 -9.70
N PRO A 13 -4.30 14.81 -9.52
CA PRO A 13 -4.75 14.36 -8.20
C PRO A 13 -3.84 13.29 -7.60
N TYR A 14 -2.86 12.80 -8.37
CA TYR A 14 -1.96 11.75 -7.87
C TYR A 14 -0.67 12.32 -7.29
N GLN A 15 -0.43 13.60 -7.52
CA GLN A 15 0.82 14.23 -7.08
C GLN A 15 0.80 14.44 -5.56
N VAL A 16 1.84 14.00 -4.87
CA VAL A 16 1.87 14.24 -3.44
C VAL A 16 3.12 15.03 -3.07
N SER A 17 3.13 15.59 -1.87
CA SER A 17 4.28 16.27 -1.32
C SER A 17 4.79 15.52 -0.09
N LEU A 18 6.09 15.30 0.00
CA LEU A 18 6.65 14.72 1.21
C LEU A 18 7.17 15.83 2.11
N ASN A 19 6.93 15.72 3.40
CA ASN A 19 7.16 16.84 4.29
C ASN A 19 7.75 16.35 5.60
N SER A 20 8.99 16.74 5.88
CA SER A 20 9.55 16.57 7.20
C SER A 20 9.46 17.92 7.90
N GLY A 21 10.54 18.67 7.92
CA GLY A 21 10.43 20.06 8.32
C GLY A 21 9.47 20.74 7.37
N SER A 22 9.82 20.71 6.09
CA SER A 22 9.04 21.35 5.06
C SER A 22 9.01 20.41 3.86
N HIS A 23 8.46 20.88 2.74
CA HIS A 23 8.46 20.10 1.52
C HIS A 23 9.90 19.83 1.08
N PHE A 24 10.26 18.54 0.95
CA PHE A 24 11.60 18.18 0.52
C PHE A 24 11.65 17.21 -0.67
N CYS A 25 10.50 16.67 -1.06
CA CYS A 25 10.43 15.67 -2.14
C CYS A 25 9.00 15.50 -2.58
N GLY A 26 8.83 15.01 -3.81
CA GLY A 26 7.52 14.64 -4.33
C GLY A 26 7.29 13.13 -4.23
N GLY A 27 6.19 12.67 -4.83
CA GLY A 27 5.79 11.28 -4.75
C GLY A 27 4.52 11.07 -5.54
N SER A 28 4.12 9.81 -5.72
CA SER A 28 2.92 9.47 -6.51
C SER A 28 1.95 8.56 -5.74
N LEU A 29 0.66 8.91 -5.72
CA LEU A 29 -0.35 8.06 -5.07
C LEU A 29 -0.75 6.88 -5.96
N ILE A 30 -0.42 5.68 -5.53
CA ILE A 30 -0.72 4.51 -6.35
C ILE A 30 -1.88 3.70 -5.80
N SER A 31 -2.21 3.94 -4.52
CA SER A 31 -3.46 3.45 -3.93
C SER A 31 -3.79 4.27 -2.70
N GLU A 32 -5.01 4.07 -2.20
CA GLU A 32 -5.48 4.61 -0.91
C GLU A 32 -4.38 4.76 0.12
N GLN A 33 -3.45 3.82 0.11
CA GLN A 33 -2.60 3.61 1.27
C GLN A 33 -1.11 3.63 0.95
N TRP A 34 -0.76 3.72 -0.33
CA TRP A 34 0.64 3.63 -0.71
C TRP A 34 1.07 4.72 -1.67
N VAL A 35 2.29 5.18 -1.44
CA VAL A 35 2.87 6.24 -2.23
C VAL A 35 4.21 5.75 -2.75
N VAL A 36 4.51 6.03 -4.01
CA VAL A 36 5.83 5.77 -4.60
C VAL A 36 6.70 7.03 -4.61
N SER A 37 7.97 6.89 -4.23
CA SER A 37 8.91 8.00 -4.25
C SER A 37 10.31 7.47 -4.58
N ALA A 38 11.35 8.26 -4.28
CA ALA A 38 12.74 7.82 -4.49
C ALA A 38 13.43 7.41 -3.20
N ALA A 39 14.32 6.44 -3.28
CA ALA A 39 14.99 5.93 -2.08
C ALA A 39 15.94 6.96 -1.49
N HIS A 40 16.41 7.88 -2.32
CA HIS A 40 17.33 8.88 -1.82
C HIS A 40 16.59 9.96 -1.00
N CYS A 41 15.28 10.00 -1.15
CA CYS A 41 14.43 10.91 -0.37
C CYS A 41 14.09 10.34 0.99
N TYR A 42 14.74 9.25 1.37
CA TYR A 42 14.42 8.56 2.61
C TYR A 42 14.63 9.39 3.87
N LYS A 43 13.60 9.47 4.69
CA LYS A 43 13.71 10.01 6.04
C LYS A 43 13.07 9.09 7.03
N THR A 44 13.42 9.27 8.29
CA THR A 44 12.93 8.37 9.31
C THR A 44 11.48 8.69 9.66
N ARG A 45 11.11 9.96 9.58
CA ARG A 45 9.71 10.38 9.75
C ARG A 45 9.30 11.25 8.58
N ILE A 46 8.13 10.99 8.01
CA ILE A 46 7.64 11.76 6.87
C ILE A 46 6.16 12.01 6.99
N GLN A 47 5.73 13.22 6.69
CA GLN A 47 4.30 13.48 6.57
C GLN A 47 3.98 13.61 5.09
N VAL A 48 2.99 12.86 4.63
CA VAL A 48 2.53 12.92 3.25
C VAL A 48 1.39 13.93 3.10
N ARG A 49 1.46 14.77 2.07
CA ARG A 49 0.40 15.73 1.80
C ARG A 49 -0.20 15.53 0.42
N LEU A 50 -1.52 15.33 0.41
CA LEU A 50 -2.25 15.05 -0.82
C LEU A 50 -3.21 16.18 -1.13
N GLY A 51 -3.59 16.29 -2.40
CA GLY A 51 -4.52 17.34 -2.82
C GLY A 51 -3.95 18.74 -2.68
N GLU A 52 -2.62 18.85 -2.70
CA GLU A 52 -1.92 20.12 -2.70
C GLU A 52 -1.91 20.73 -4.09
N HIS A 53 -2.05 22.06 -4.16
CA HIS A 53 -1.69 22.79 -5.36
C HIS A 53 -0.68 23.86 -5.01
N ASN A 54 -1.04 24.72 -4.06
CA ASN A 54 -0.12 25.70 -3.50
C ASN A 54 0.35 25.29 -2.12
N ILE A 55 1.57 24.77 -2.00
CA ILE A 55 2.02 24.21 -0.72
C ILE A 55 2.15 25.20 0.44
N LYS A 56 2.07 26.49 0.19
CA LYS A 56 2.22 27.48 1.26
C LYS A 56 0.87 28.01 1.75
N VAL A 57 -0.19 27.64 1.05
CA VAL A 57 -1.52 28.16 1.34
C VAL A 57 -2.50 27.03 1.67
N LEU A 58 -3.19 27.08 2.82
CA LEU A 58 -4.24 26.11 3.09
C LEU A 58 -5.45 26.37 2.17
N GLU A 59 -5.81 25.38 1.36
CA GLU A 59 -6.82 25.58 0.32
C GLU A 59 -8.12 24.83 0.60
N GLY A 60 -8.12 23.97 1.62
CA GLY A 60 -9.32 23.26 2.02
C GLY A 60 -9.48 21.84 1.49
N ASN A 61 -8.71 21.48 0.47
CA ASN A 61 -8.78 20.17 -0.18
C ASN A 61 -7.72 19.18 0.31
N GLU A 62 -6.71 19.67 1.00
CA GLU A 62 -5.56 18.82 1.30
C GLU A 62 -5.82 17.79 2.39
N GLN A 63 -5.01 16.73 2.37
CA GLN A 63 -5.09 15.66 3.36
C GLN A 63 -3.69 15.47 3.87
N PHE A 64 -3.51 15.66 5.18
CA PHE A 64 -2.21 15.47 5.81
C PHE A 64 -2.21 14.10 6.48
N ILE A 65 -1.28 13.22 6.12
CA ILE A 65 -1.20 11.89 6.72
C ILE A 65 0.23 11.42 6.93
N ASN A 66 0.56 11.02 8.15
CA ASN A 66 1.90 10.52 8.44
C ASN A 66 2.21 9.15 7.84
N ALA A 67 3.48 8.95 7.46
CA ALA A 67 3.93 7.63 6.99
C ALA A 67 3.88 6.65 8.15
N ALA A 68 3.32 5.48 7.92
CA ALA A 68 3.37 4.43 8.92
C ALA A 68 4.57 3.55 8.64
N LYS A 69 4.92 3.42 7.36
CA LYS A 69 6.05 2.61 6.93
C LYS A 69 6.76 3.28 5.76
N ILE A 70 8.09 3.27 5.82
CA ILE A 70 8.90 3.81 4.76
C ILE A 70 9.87 2.72 4.36
N ILE A 71 9.83 2.33 3.10
CA ILE A 71 10.55 1.15 2.66
C ILE A 71 11.38 1.40 1.40
N ARG A 72 12.70 1.45 1.55
CA ARG A 72 13.58 1.58 0.40
C ARG A 72 13.73 0.23 -0.29
N HIS A 73 13.91 0.26 -1.60
CA HIS A 73 14.30 -0.95 -2.30
C HIS A 73 15.51 -1.55 -1.62
N PRO A 74 15.48 -2.88 -1.41
CA PRO A 74 16.54 -3.57 -0.68
C PRO A 74 17.87 -3.46 -1.43
N LYS A 75 17.82 -3.14 -2.70
CA LYS A 75 19.05 -3.11 -3.50
C LYS A 75 19.47 -1.70 -3.89
N TYR A 76 18.86 -0.72 -3.27
CA TYR A 76 19.25 0.65 -3.53
C TYR A 76 20.74 0.78 -3.24
N ASN A 77 21.46 1.47 -4.12
CA ASN A 77 22.88 1.70 -3.92
C ASN A 77 23.16 3.20 -3.88
N ARG A 78 23.76 3.69 -2.81
CA ARG A 78 23.90 5.14 -2.64
C ARG A 78 25.07 5.76 -3.42
N ASP A 79 25.95 4.92 -3.94
CA ASP A 79 27.07 5.40 -4.74
C ASP A 79 26.71 5.48 -6.22
N THR A 80 26.05 4.43 -6.72
CA THR A 80 25.64 4.35 -8.13
C THR A 80 24.22 4.87 -8.37
N LEU A 81 23.40 4.88 -7.32
CA LEU A 81 22.00 5.30 -7.43
C LEU A 81 21.12 4.25 -8.12
N ASP A 82 21.61 3.02 -8.17
CA ASP A 82 20.86 1.89 -8.68
C ASP A 82 19.62 1.58 -7.83
N ASN A 83 18.47 1.37 -8.45
CA ASN A 83 17.24 1.01 -7.75
C ASN A 83 16.75 2.13 -6.83
N ASP A 84 16.70 3.32 -7.37
CA ASP A 84 16.32 4.48 -6.58
C ASP A 84 14.80 4.57 -6.53
N ILE A 85 14.21 3.73 -5.68
CA ILE A 85 12.77 3.73 -5.54
C ILE A 85 12.39 3.35 -4.11
N MET A 86 11.26 3.85 -3.65
CA MET A 86 10.89 3.72 -2.25
C MET A 86 9.39 3.67 -2.15
N LEU A 87 8.89 2.86 -1.22
CA LEU A 87 7.46 2.82 -0.98
C LEU A 87 7.16 3.43 0.38
N ILE A 88 6.06 4.16 0.47
CA ILE A 88 5.60 4.73 1.73
C ILE A 88 4.17 4.29 2.00
N LYS A 89 3.94 3.68 3.15
CA LYS A 89 2.58 3.34 3.54
C LYS A 89 2.00 4.42 4.46
N LEU A 90 0.81 4.91 4.12
CA LEU A 90 0.13 5.96 4.88
C LEU A 90 -0.42 5.37 6.17
N SER A 91 -0.41 6.14 7.25
CA SER A 91 -0.91 5.65 8.53
C SER A 91 -2.43 5.60 8.54
N SER A 92 -3.05 6.31 7.60
CA SER A 92 -4.48 6.15 7.37
C SER A 92 -4.72 6.22 5.87
N PRO A 93 -5.74 5.50 5.38
CA PRO A 93 -6.02 5.55 3.95
C PRO A 93 -6.46 6.95 3.53
N ALA A 94 -5.92 7.43 2.41
CA ALA A 94 -6.36 8.70 1.84
C ALA A 94 -7.82 8.57 1.40
N VAL A 95 -8.55 9.67 1.40
CA VAL A 95 -9.90 9.61 0.85
C VAL A 95 -9.87 9.98 -0.63
N ILE A 96 -10.24 9.01 -1.46
CA ILE A 96 -10.13 9.17 -2.91
C ILE A 96 -11.34 9.94 -3.41
N ASN A 97 -11.08 11.08 -4.04
CA ASN A 97 -12.13 11.95 -4.56
C ASN A 97 -11.65 12.66 -5.82
N ALA A 98 -12.24 13.81 -6.12
CA ALA A 98 -11.90 14.49 -7.38
C ALA A 98 -10.53 15.14 -7.33
N ARG A 99 -10.06 15.44 -6.13
CA ARG A 99 -8.80 16.17 -5.99
C ARG A 99 -7.63 15.31 -5.51
N VAL A 100 -7.95 14.09 -5.12
CA VAL A 100 -6.95 13.15 -4.63
C VAL A 100 -7.26 11.80 -5.24
N SER A 101 -6.36 11.30 -6.09
CA SER A 101 -6.63 10.05 -6.78
C SER A 101 -5.37 9.30 -7.16
N THR A 102 -5.56 8.06 -7.58
CA THR A 102 -4.45 7.18 -7.95
C THR A 102 -3.98 7.37 -9.38
N ILE A 103 -2.78 6.87 -9.64
CA ILE A 103 -2.24 6.79 -11.00
C ILE A 103 -1.87 5.32 -11.29
N SER A 104 -2.35 4.78 -12.41
CA SER A 104 -2.04 3.41 -12.80
C SER A 104 -0.54 3.14 -12.75
N LEU A 105 -0.18 1.93 -12.35
CA LEU A 105 1.18 1.45 -12.54
C LEU A 105 1.38 1.05 -14.02
N PRO A 106 2.63 1.07 -14.51
CA PRO A 106 2.88 0.74 -15.94
C PRO A 106 2.56 -0.71 -16.30
N THR A 107 2.04 -0.95 -17.51
CA THR A 107 1.89 -2.33 -18.01
C THR A 107 2.89 -2.65 -19.14
N ALA A 108 3.60 -1.62 -19.59
CA ALA A 108 4.74 -1.78 -20.49
C ALA A 108 5.79 -0.75 -20.12
N PRO A 109 7.04 -0.98 -20.51
CA PRO A 109 8.10 0.00 -20.23
C PRO A 109 7.91 1.23 -21.12
N PRO A 110 8.63 2.32 -20.81
CA PRO A 110 8.53 3.57 -21.56
C PRO A 110 9.05 3.37 -22.99
N ALA A 111 8.39 4.00 -23.96
CA ALA A 111 8.81 3.89 -25.35
C ALA A 111 9.36 5.21 -25.86
N ALA A 112 10.52 5.15 -26.50
CA ALA A 112 11.21 6.37 -26.93
C ALA A 112 10.32 7.22 -27.84
N GLY A 113 10.34 8.52 -27.61
CA GLY A 113 9.54 9.42 -28.42
C GLY A 113 8.21 9.78 -27.79
N THR A 114 7.78 8.99 -26.82
CA THR A 114 6.52 9.25 -26.11
C THR A 114 6.58 10.55 -25.29
N GLU A 115 5.59 11.42 -25.47
CA GLU A 115 5.48 12.60 -24.60
C GLU A 115 4.96 12.23 -23.22
N CYS A 116 5.64 12.74 -22.19
CA CYS A 116 5.30 12.46 -20.81
C CYS A 116 5.07 13.73 -20.02
N LEU A 117 4.36 13.61 -18.89
CA LEU A 117 4.12 14.73 -18.01
C LEU A 117 4.93 14.56 -16.73
N ILE A 118 5.82 15.53 -16.48
CA ILE A 118 6.66 15.56 -15.28
C ILE A 118 6.20 16.71 -14.42
N SER A 119 6.12 16.51 -13.11
CA SER A 119 5.52 17.55 -12.27
C SER A 119 6.14 17.64 -10.88
N GLY A 120 6.11 18.83 -10.30
CA GLY A 120 6.60 18.99 -8.95
C GLY A 120 6.79 20.43 -8.56
N TRP A 121 7.29 20.62 -7.34
CA TRP A 121 7.50 21.94 -6.78
C TRP A 121 8.98 22.28 -6.81
N GLY A 122 9.69 21.72 -7.79
CA GLY A 122 11.13 21.85 -7.84
C GLY A 122 11.60 23.23 -8.25
N ASN A 123 12.90 23.45 -8.08
CA ASN A 123 13.54 24.68 -8.54
C ASN A 123 13.22 24.92 -10.00
N THR A 124 13.00 26.18 -10.35
CA THR A 124 12.64 26.53 -11.71
C THR A 124 13.80 27.17 -12.49
N LEU A 125 14.99 27.20 -11.89
CA LEU A 125 16.18 27.80 -12.51
C LEU A 125 17.39 26.87 -12.63
N SER A 126 18.06 26.92 -13.79
CA SER A 126 19.26 26.12 -14.02
C SER A 126 20.44 26.64 -13.22
N PHE A 127 20.47 27.94 -12.98
CA PHE A 127 21.52 28.51 -12.15
C PHE A 127 20.85 29.52 -11.23
N GLY A 128 21.04 29.34 -9.93
CA GLY A 128 20.30 30.11 -8.94
C GLY A 128 19.11 29.37 -8.36
N ALA A 129 18.37 30.02 -7.47
CA ALA A 129 17.24 29.40 -6.77
C ALA A 129 15.94 30.20 -6.88
N ASP A 130 14.89 29.52 -7.34
CA ASP A 130 13.55 30.10 -7.32
C ASP A 130 12.51 28.98 -7.18
N TYR A 131 12.17 28.66 -5.94
CA TYR A 131 11.22 27.60 -5.66
C TYR A 131 9.77 28.09 -5.66
N PRO A 132 8.91 27.44 -6.44
CA PRO A 132 7.52 27.86 -6.63
C PRO A 132 6.65 27.36 -5.48
N ASP A 133 5.51 28.02 -5.24
CA ASP A 133 4.53 27.59 -4.25
C ASP A 133 3.52 26.70 -4.95
N GLU A 134 3.27 27.03 -6.22
CA GLU A 134 2.31 26.31 -7.03
C GLU A 134 2.97 25.22 -7.88
N LEU A 135 2.25 24.13 -8.05
CA LEU A 135 2.74 22.94 -8.76
C LEU A 135 3.08 23.23 -10.22
N LYS A 136 4.24 22.75 -10.66
CA LYS A 136 4.67 22.93 -12.05
C LYS A 136 4.63 21.65 -12.89
N CYS A 137 4.33 21.82 -14.18
CA CYS A 137 4.29 20.71 -15.14
C CYS A 137 5.26 20.91 -16.29
N LEU A 138 5.56 19.82 -16.97
CA LEU A 138 6.48 19.81 -18.10
C LEU A 138 6.16 18.65 -19.05
N ASP A 139 5.97 18.96 -20.32
CA ASP A 139 5.81 17.91 -21.32
C ASP A 139 7.18 17.62 -21.93
N ALA A 140 7.58 16.36 -21.86
CA ALA A 140 8.91 15.95 -22.29
C ALA A 140 8.90 14.53 -22.81
N PRO A 141 9.69 14.26 -23.88
CA PRO A 141 9.71 12.91 -24.47
C PRO A 141 10.74 11.97 -23.86
N VAL A 142 10.38 10.69 -23.78
CA VAL A 142 11.32 9.64 -23.44
C VAL A 142 12.43 9.60 -24.50
N LEU A 143 13.68 9.51 -24.04
CA LEU A 143 14.82 9.50 -24.93
C LEU A 143 15.27 8.08 -25.19
N THR A 144 15.99 7.87 -26.30
CA THR A 144 16.52 6.54 -26.62
C THR A 144 17.54 6.10 -25.60
N GLN A 145 17.71 4.79 -25.46
CA GLN A 145 18.72 4.26 -24.56
C GLN A 145 20.11 4.78 -24.96
N ALA A 146 20.37 4.87 -26.27
CA ALA A 146 21.65 5.38 -26.74
C ALA A 146 21.83 6.82 -26.27
N GLU A 147 20.78 7.63 -26.44
CA GLU A 147 20.86 9.02 -26.01
C GLU A 147 21.12 9.16 -24.52
N CYS A 148 20.60 8.22 -23.74
CA CYS A 148 20.79 8.26 -22.29
C CYS A 148 22.20 7.89 -21.91
N LYS A 149 22.70 6.80 -22.48
CA LYS A 149 24.02 6.30 -22.19
C LYS A 149 25.13 7.23 -22.72
N ALA A 150 24.90 7.82 -23.88
CA ALA A 150 25.90 8.75 -24.41
C ALA A 150 25.94 10.03 -23.57
N SER A 151 24.85 10.36 -22.89
CA SER A 151 24.85 11.53 -22.03
C SER A 151 25.59 11.27 -20.73
N TYR A 152 25.47 10.05 -20.20
CA TYR A 152 26.12 9.72 -18.93
C TYR A 152 26.94 8.45 -19.02
N PRO A 153 28.07 8.49 -19.75
CA PRO A 153 28.97 7.36 -19.94
C PRO A 153 29.32 6.71 -18.62
N GLY A 154 29.06 5.41 -18.50
CA GLY A 154 29.50 4.65 -17.35
C GLY A 154 28.50 4.62 -16.20
N LYS A 155 27.40 5.35 -16.33
CA LYS A 155 26.56 5.63 -15.19
C LYS A 155 25.10 5.18 -15.25
N ILE A 156 24.59 4.91 -16.45
CA ILE A 156 23.21 4.45 -16.59
C ILE A 156 23.07 2.95 -16.32
N THR A 157 22.37 2.60 -15.24
CA THR A 157 22.09 1.20 -14.93
C THR A 157 20.75 0.76 -15.56
N ASN A 158 20.39 -0.51 -15.41
CA ASN A 158 19.11 -1.01 -15.92
C ASN A 158 17.91 -0.33 -15.30
N SER A 159 18.09 0.25 -14.11
CA SER A 159 16.96 0.86 -13.43
C SER A 159 16.65 2.28 -13.93
N MET A 160 17.44 2.76 -14.89
CA MET A 160 17.38 4.18 -15.26
C MET A 160 16.95 4.43 -16.70
N PHE A 161 16.38 5.60 -16.94
CA PHE A 161 16.10 6.08 -18.30
C PHE A 161 15.99 7.60 -18.32
N CYS A 162 16.11 8.17 -19.51
CA CYS A 162 16.11 9.62 -19.60
C CYS A 162 14.86 10.14 -20.28
N VAL A 163 14.43 11.31 -19.81
CA VAL A 163 13.31 12.01 -20.39
C VAL A 163 13.75 13.45 -20.48
N GLY A 164 13.46 14.10 -21.59
CA GLY A 164 13.79 15.50 -21.70
C GLY A 164 14.40 15.92 -23.03
N PHE A 165 15.33 16.86 -22.95
CA PHE A 165 15.80 17.54 -24.14
C PHE A 165 17.31 17.65 -24.11
N LEU A 166 17.95 17.22 -25.18
CA LEU A 166 19.40 17.29 -25.23
C LEU A 166 19.90 18.73 -25.37
N GLU A 167 19.07 19.63 -25.89
CA GLU A 167 19.48 21.03 -26.05
C GLU A 167 19.42 21.82 -24.75
N GLY A 168 18.74 21.27 -23.74
CA GLY A 168 18.64 21.92 -22.45
C GLY A 168 17.47 22.87 -22.31
N GLY A 169 17.35 23.50 -21.14
CA GLY A 169 16.32 24.50 -20.92
C GLY A 169 15.05 23.97 -20.29
N LYS A 170 14.80 22.67 -20.43
CA LYS A 170 13.64 22.04 -19.81
C LYS A 170 14.03 20.74 -19.12
N ASP A 171 13.67 20.63 -17.85
CA ASP A 171 14.13 19.52 -17.03
C ASP A 171 13.53 19.63 -15.63
N SER A 172 13.74 18.59 -14.81
CA SER A 172 13.31 18.62 -13.42
C SER A 172 14.51 19.00 -12.56
N CYS A 173 14.25 19.49 -11.34
CA CYS A 173 15.34 20.03 -10.52
C CYS A 173 15.18 19.68 -9.04
N GLN A 174 16.00 20.29 -8.18
CA GLN A 174 15.97 19.97 -6.75
C GLN A 174 14.58 20.19 -6.19
N ARG A 175 14.19 19.29 -5.29
CA ARG A 175 12.84 19.24 -4.73
C ARG A 175 11.80 18.55 -5.62
N ASP A 176 12.19 18.14 -6.82
CA ASP A 176 11.29 17.35 -7.68
C ASP A 176 11.44 15.86 -7.41
N ALA A 177 12.56 15.48 -6.81
CA ALA A 177 12.86 14.07 -6.59
C ALA A 177 11.67 13.34 -6.01
N GLY A 178 11.48 12.11 -6.43
CA GLY A 178 10.41 11.28 -5.94
C GLY A 178 9.15 11.44 -6.76
N GLY A 179 9.05 12.54 -7.48
CA GLY A 179 7.85 12.87 -8.23
C GLY A 179 7.59 12.05 -9.49
N PRO A 180 6.39 12.21 -10.06
CA PRO A 180 5.89 11.36 -11.15
C PRO A 180 6.37 11.75 -12.54
N VAL A 181 6.69 10.75 -13.35
CA VAL A 181 6.64 10.88 -14.80
C VAL A 181 5.50 10.02 -15.37
N VAL A 182 4.48 10.68 -15.93
CA VAL A 182 3.33 9.96 -16.46
C VAL A 182 3.27 9.96 -17.98
N CYS A 183 3.00 8.80 -18.56
CA CYS A 183 2.86 8.67 -20.00
C CYS A 183 1.58 7.94 -20.34
N ASN A 184 0.67 8.62 -21.03
CA ASN A 184 -0.54 7.98 -21.49
C ASN A 184 -1.30 7.26 -20.38
N GLY A 185 -1.43 7.93 -19.24
CA GLY A 185 -2.19 7.43 -18.13
C GLY A 185 -1.49 6.40 -17.26
N GLN A 186 -0.16 6.36 -17.29
CA GLN A 186 0.58 5.41 -16.45
C GLN A 186 1.89 6.00 -15.92
N LEU A 187 2.15 5.78 -14.64
CA LEU A 187 3.40 6.17 -14.00
C LEU A 187 4.58 5.40 -14.58
N GLN A 188 5.41 6.03 -15.41
CA GLN A 188 6.59 5.37 -15.95
C GLN A 188 7.88 5.68 -15.19
N GLY A 189 7.96 6.86 -14.59
CA GLY A 189 9.20 7.25 -13.95
C GLY A 189 9.09 7.91 -12.59
N VAL A 190 10.16 7.77 -11.80
CA VAL A 190 10.37 8.53 -10.58
C VAL A 190 11.56 9.48 -10.78
N VAL A 191 11.36 10.76 -10.55
CA VAL A 191 12.45 11.74 -10.58
C VAL A 191 13.59 11.29 -9.65
N SER A 192 14.79 11.17 -10.21
CA SER A 192 15.93 10.68 -9.47
C SER A 192 17.11 11.68 -9.48
N TRP A 193 17.85 11.77 -10.59
CA TRP A 193 19.09 12.54 -10.60
C TRP A 193 19.46 13.08 -11.97
N GLY A 194 20.50 13.90 -11.99
CA GLY A 194 21.06 14.41 -13.23
C GLY A 194 22.32 15.21 -12.93
N HIS A 195 23.00 15.64 -13.97
CA HIS A 195 24.15 16.52 -13.79
C HIS A 195 23.65 17.94 -13.99
N GLY A 196 23.56 18.70 -12.90
CA GLY A 196 22.87 19.96 -12.95
C GLY A 196 21.41 19.79 -13.36
N CYS A 197 20.78 20.90 -13.77
CA CYS A 197 19.38 20.89 -14.18
C CYS A 197 19.22 21.64 -15.48
N ALA A 198 18.58 21.00 -16.45
CA ALA A 198 18.27 21.63 -17.73
C ALA A 198 19.52 22.02 -18.54
N TRP A 199 20.69 21.52 -18.15
CA TRP A 199 21.93 21.71 -18.92
C TRP A 199 21.96 20.93 -20.23
N LYS A 200 22.69 21.46 -21.20
CA LYS A 200 22.85 20.81 -22.50
C LYS A 200 23.46 19.38 -22.40
N ASN A 201 22.84 18.43 -23.10
CA ASN A 201 23.36 17.06 -23.13
C ASN A 201 23.36 16.36 -21.78
N ARG A 202 22.57 16.89 -20.85
CA ARG A 202 22.44 16.28 -19.53
C ARG A 202 20.97 16.25 -19.14
N PRO A 203 20.18 15.42 -19.84
CA PRO A 203 18.76 15.23 -19.55
C PRO A 203 18.59 14.58 -18.18
N GLY A 204 17.43 14.75 -17.56
CA GLY A 204 17.18 14.16 -16.25
C GLY A 204 17.14 12.64 -16.32
N VAL A 205 17.55 12.00 -15.24
CA VAL A 205 17.57 10.53 -15.18
C VAL A 205 16.50 10.05 -14.21
N TYR A 206 15.69 9.10 -14.66
CA TYR A 206 14.52 8.68 -13.90
C TYR A 206 14.54 7.19 -13.64
N THR A 207 13.98 6.79 -12.50
CA THR A 207 13.89 5.37 -12.17
C THR A 207 12.75 4.74 -12.97
N LYS A 208 13.06 3.65 -13.67
CA LYS A 208 12.11 2.95 -14.54
C LYS A 208 11.11 2.13 -13.71
N VAL A 209 9.94 2.73 -13.43
CA VAL A 209 8.96 2.14 -12.51
C VAL A 209 8.51 0.73 -12.92
N TYR A 210 8.31 0.52 -14.21
CA TYR A 210 7.91 -0.78 -14.74
C TYR A 210 8.76 -1.94 -14.20
N ASN A 211 10.03 -1.67 -13.95
CA ASN A 211 10.94 -2.69 -13.45
C ASN A 211 10.64 -3.14 -12.02
N TYR A 212 9.70 -2.49 -11.34
CA TYR A 212 9.50 -2.71 -9.91
C TYR A 212 8.06 -3.08 -9.54
N VAL A 213 7.26 -3.31 -10.57
CA VAL A 213 5.83 -3.56 -10.38
C VAL A 213 5.58 -4.79 -9.50
N ASP A 214 6.26 -5.87 -9.79
CA ASP A 214 6.16 -7.05 -8.94
C ASP A 214 6.60 -6.76 -7.51
N TRP A 215 7.71 -6.05 -7.35
CA TRP A 215 8.22 -5.76 -6.02
C TRP A 215 7.22 -4.90 -5.26
N ILE A 216 6.56 -3.98 -5.96
CA ILE A 216 5.57 -3.10 -5.36
C ILE A 216 4.37 -3.92 -4.88
N LYS A 217 3.74 -4.65 -5.80
CA LYS A 217 2.63 -5.54 -5.45
C LYS A 217 2.95 -6.41 -4.24
N ASP A 218 4.06 -7.15 -4.31
CA ASP A 218 4.45 -8.05 -3.23
C ASP A 218 4.66 -7.29 -1.90
N THR A 219 5.34 -6.15 -1.94
CA THR A 219 5.60 -5.35 -0.73
C THR A 219 4.30 -4.86 -0.12
N ILE A 220 3.38 -4.39 -0.96
CA ILE A 220 2.08 -3.96 -0.48
C ILE A 220 1.33 -5.10 0.21
N ALA A 221 1.31 -6.27 -0.41
CA ALA A 221 0.62 -7.41 0.20
C ALA A 221 1.31 -7.87 1.49
N ALA A 222 2.63 -7.69 1.57
CA ALA A 222 3.39 -8.14 2.72
C ALA A 222 3.13 -7.25 3.90
N ASN A 223 2.60 -6.06 3.65
CA ASN A 223 2.44 -5.07 4.69
C ASN A 223 1.01 -4.61 4.82
N SER A 224 0.09 -5.43 4.33
CA SER A 224 -1.32 -5.22 4.60
C SER A 224 -1.55 -5.73 6.02
N ILE B 1 -19.40 13.65 26.77
CA ILE B 1 -20.81 13.97 26.91
C ILE B 1 -21.53 12.74 27.44
N VAL B 2 -22.13 12.88 28.61
CA VAL B 2 -22.84 11.79 29.23
C VAL B 2 -24.33 11.92 28.98
N GLY B 3 -24.95 10.86 28.47
CA GLY B 3 -26.39 10.84 28.25
C GLY B 3 -26.87 11.62 27.04
N GLY B 4 -25.99 11.82 26.06
CA GLY B 4 -26.34 12.57 24.86
C GLY B 4 -26.56 11.65 23.67
N TYR B 5 -26.38 12.18 22.48
CA TYR B 5 -26.51 11.39 21.26
C TYR B 5 -25.46 11.78 20.24
N THR B 6 -25.21 10.90 19.27
CA THR B 6 -24.26 11.20 18.19
C THR B 6 -24.88 12.21 17.25
N CYS B 7 -24.16 13.30 16.97
CA CYS B 7 -24.66 14.37 16.09
C CYS B 7 -24.72 13.87 14.66
N GLU B 8 -25.58 14.49 13.87
CA GLU B 8 -25.54 14.26 12.42
C GLU B 8 -24.19 14.77 11.96
N GLU B 9 -23.64 14.16 10.92
CA GLU B 9 -22.25 14.41 10.54
C GLU B 9 -21.92 15.86 10.21
N ASN B 10 -22.64 16.44 9.26
CA ASN B 10 -22.40 17.85 8.94
C ASN B 10 -22.57 18.79 10.15
N SER B 11 -23.47 18.40 11.05
CA SER B 11 -24.19 19.30 11.99
C SER B 11 -23.51 20.52 12.64
N LEU B 12 -22.32 20.34 13.19
CA LEU B 12 -21.68 21.39 13.97
CA LEU B 12 -21.67 21.38 13.98
C LEU B 12 -20.34 21.80 13.37
N PRO B 13 -20.40 22.51 12.23
CA PRO B 13 -19.18 22.88 11.48
C PRO B 13 -18.27 23.81 12.28
N TYR B 14 -18.75 24.36 13.40
CA TYR B 14 -17.92 25.19 14.28
C TYR B 14 -17.12 24.41 15.33
N GLN B 15 -17.47 23.14 15.54
CA GLN B 15 -16.76 22.33 16.54
C GLN B 15 -15.33 22.02 16.14
N VAL B 16 -14.36 22.33 17.01
CA VAL B 16 -12.99 21.95 16.70
C VAL B 16 -12.45 20.99 17.74
N SER B 17 -11.41 20.25 17.38
CA SER B 17 -10.73 19.41 18.35
C SER B 17 -9.31 19.93 18.56
N LEU B 18 -8.81 19.80 19.78
CA LEU B 18 -7.48 20.28 20.10
C LEU B 18 -6.60 19.08 20.32
N ASN B 19 -5.52 19.02 19.55
CA ASN B 19 -4.75 17.80 19.46
C ASN B 19 -3.29 18.12 19.74
N SER B 20 -2.73 17.48 20.77
CA SER B 20 -1.30 17.60 21.00
C SER B 20 -0.67 16.41 20.30
N GLY B 21 -0.63 15.28 20.99
CA GLY B 21 -0.35 14.02 20.31
C GLY B 21 -1.66 13.32 20.03
N SER B 22 -2.65 13.64 20.86
CA SER B 22 -3.99 13.11 20.72
C SER B 22 -4.98 14.20 21.08
N HIS B 23 -6.26 13.92 20.89
CA HIS B 23 -7.32 14.85 21.24
C HIS B 23 -7.43 15.01 22.77
N PHE B 24 -7.31 16.23 23.27
CA PHE B 24 -7.34 16.48 24.71
C PHE B 24 -8.36 17.55 25.13
N CYS B 25 -8.93 18.28 24.18
CA CYS B 25 -9.89 19.34 24.47
C CYS B 25 -10.69 19.67 23.23
N GLY B 26 -11.79 20.38 23.41
CA GLY B 26 -12.55 20.92 22.30
C GLY B 26 -12.35 22.42 22.18
N GLY B 27 -13.05 23.03 21.23
CA GLY B 27 -13.01 24.47 21.05
C GLY B 27 -14.10 24.86 20.06
N SER B 28 -14.19 26.15 19.77
CA SER B 28 -15.19 26.65 18.81
C SER B 28 -14.55 27.64 17.84
N LEU B 29 -14.82 27.47 16.55
CA LEU B 29 -14.40 28.44 15.55
C LEU B 29 -15.29 29.66 15.60
N ILE B 30 -14.72 30.82 15.88
CA ILE B 30 -15.51 32.06 15.93
C ILE B 30 -15.16 33.04 14.83
N SER B 31 -14.14 32.68 14.05
CA SER B 31 -13.69 33.51 12.94
C SER B 31 -12.71 32.68 12.13
N GLU B 32 -12.53 33.02 10.86
CA GLU B 32 -11.69 32.23 9.97
C GLU B 32 -10.36 31.88 10.62
N GLN B 33 -9.86 32.78 11.47
CA GLN B 33 -8.53 32.57 12.03
C GLN B 33 -8.50 32.35 13.55
N TRP B 34 -9.65 32.26 14.19
CA TRP B 34 -9.68 32.20 15.65
C TRP B 34 -10.53 31.10 16.29
N VAL B 35 -9.93 30.42 17.26
CA VAL B 35 -10.65 29.45 18.08
C VAL B 35 -10.82 29.90 19.55
N VAL B 36 -12.01 29.67 20.11
CA VAL B 36 -12.26 29.87 21.54
C VAL B 36 -12.24 28.53 22.29
N SER B 37 -11.51 28.48 23.39
CA SER B 37 -11.44 27.27 24.21
C SER B 37 -11.37 27.63 25.68
N ALA B 38 -10.94 26.68 26.51
CA ALA B 38 -10.78 26.92 27.93
C ALA B 38 -9.32 27.19 28.29
N ALA B 39 -9.09 28.07 29.26
CA ALA B 39 -7.72 28.38 29.67
C ALA B 39 -6.99 27.20 30.31
N HIS B 40 -7.71 26.33 31.01
CA HIS B 40 -7.04 25.20 31.64
C HIS B 40 -6.66 24.14 30.59
N CYS B 41 -7.08 24.34 29.34
CA CYS B 41 -6.66 23.50 28.22
C CYS B 41 -5.35 23.94 27.61
N TYR B 42 -4.69 24.92 28.23
CA TYR B 42 -3.50 25.51 27.64
C TYR B 42 -2.34 24.53 27.53
N LYS B 43 -1.73 24.51 26.35
CA LYS B 43 -0.46 23.83 26.10
C LYS B 43 0.39 24.74 25.25
N THR B 44 1.70 24.62 25.40
CA THR B 44 2.66 25.38 24.63
C THR B 44 2.40 25.26 23.14
N ARG B 45 2.13 24.04 22.68
CA ARG B 45 1.84 23.81 21.26
C ARG B 45 0.59 22.97 21.05
N ILE B 46 -0.23 23.39 20.09
CA ILE B 46 -1.51 22.75 19.80
C ILE B 46 -1.77 22.71 18.31
N GLN B 47 -2.22 21.56 17.81
CA GLN B 47 -2.76 21.51 16.47
C GLN B 47 -4.28 21.52 16.56
N VAL B 48 -4.90 22.40 15.79
CA VAL B 48 -6.35 22.51 15.77
C VAL B 48 -6.93 21.69 14.62
N ARG B 49 -7.96 20.90 14.89
CA ARG B 49 -8.58 20.08 13.84
C ARG B 49 -10.03 20.44 13.59
N LEU B 50 -10.33 20.86 12.36
CA LEU B 50 -11.68 21.31 12.00
C LEU B 50 -12.39 20.38 11.01
N GLY B 51 -13.72 20.45 10.98
CA GLY B 51 -14.50 19.64 10.08
C GLY B 51 -14.49 18.17 10.45
N GLU B 52 -14.18 17.90 11.70
CA GLU B 52 -14.01 16.56 12.21
C GLU B 52 -15.36 15.97 12.64
N HIS B 53 -15.59 14.70 12.35
CA HIS B 53 -16.72 14.00 12.98
C HIS B 53 -16.21 12.85 13.82
N ASN B 54 -15.47 11.94 13.18
CA ASN B 54 -14.88 10.79 13.87
C ASN B 54 -13.39 11.00 14.01
N ILE B 55 -12.93 11.38 15.20
CA ILE B 55 -11.54 11.80 15.34
C ILE B 55 -10.52 10.71 15.06
N LYS B 56 -10.99 9.49 14.82
CA LYS B 56 -10.11 8.35 14.63
C LYS B 56 -10.02 7.93 13.17
N VAL B 57 -10.81 8.57 12.33
CA VAL B 57 -10.92 8.19 10.94
C VAL B 57 -10.70 9.41 10.04
N LEU B 58 -9.79 9.31 9.08
CA LEU B 58 -9.64 10.38 8.08
C LEU B 58 -10.81 10.29 7.09
N GLU B 59 -11.60 11.35 7.01
CA GLU B 59 -12.80 11.31 6.18
C GLU B 59 -12.79 12.28 4.99
N GLY B 60 -11.75 13.11 4.91
CA GLY B 60 -11.52 13.95 3.75
C GLY B 60 -11.90 15.40 3.90
N ASN B 61 -12.70 15.70 4.91
CA ASN B 61 -13.23 17.05 5.12
C ASN B 61 -12.38 17.93 6.01
N GLU B 62 -11.53 17.30 6.81
CA GLU B 62 -10.87 18.00 7.91
C GLU B 62 -9.74 18.93 7.47
N GLN B 63 -9.50 19.95 8.28
CA GLN B 63 -8.40 20.86 8.06
C GLN B 63 -7.57 20.83 9.33
N PHE B 64 -6.31 20.42 9.21
CA PHE B 64 -5.38 20.44 10.34
C PHE B 64 -4.58 21.72 10.26
N ILE B 65 -4.61 22.50 11.33
CA ILE B 65 -3.90 23.78 11.35
C ILE B 65 -3.21 23.99 12.70
N ASN B 66 -1.90 24.20 12.69
CA ASN B 66 -1.20 24.53 13.93
C ASN B 66 -1.58 25.88 14.47
N ALA B 67 -1.51 26.02 15.79
CA ALA B 67 -1.77 27.30 16.44
C ALA B 67 -0.55 28.21 16.30
N ALA B 68 -0.76 29.45 15.84
CA ALA B 68 0.31 30.45 15.84
C ALA B 68 0.45 31.14 17.19
N LYS B 69 -0.66 31.44 17.85
CA LYS B 69 -0.61 31.88 19.24
C LYS B 69 -1.74 31.34 20.13
N ILE B 70 -1.40 31.18 21.39
CA ILE B 70 -2.33 30.67 22.39
C ILE B 70 -2.34 31.66 23.54
N ILE B 71 -3.51 32.25 23.78
CA ILE B 71 -3.64 33.34 24.74
C ILE B 71 -4.69 33.08 25.81
N ARG B 72 -4.24 32.70 27.01
CA ARG B 72 -5.13 32.57 28.15
C ARG B 72 -5.61 33.93 28.57
N HIS B 73 -6.82 34.00 29.09
CA HIS B 73 -7.28 35.25 29.66
C HIS B 73 -6.29 35.69 30.72
N PRO B 74 -5.94 36.99 30.72
CA PRO B 74 -5.00 37.60 31.66
C PRO B 74 -5.39 37.36 33.13
N LYS B 75 -6.68 37.24 33.41
CA LYS B 75 -7.12 37.09 34.79
C LYS B 75 -7.59 35.69 35.15
N TYR B 76 -7.13 34.69 34.40
CA TYR B 76 -7.51 33.31 34.70
C TYR B 76 -6.89 32.88 36.03
N ASN B 77 -7.65 32.17 36.85
CA ASN B 77 -7.14 31.73 38.16
C ASN B 77 -7.07 30.22 38.28
N ARG B 78 -5.86 29.70 38.45
CA ARG B 78 -5.64 28.26 38.53
C ARG B 78 -6.29 27.66 39.78
N ASP B 79 -6.44 28.48 40.82
CA ASP B 79 -7.04 28.03 42.09
C ASP B 79 -8.55 28.06 42.12
N THR B 80 -9.15 29.15 41.64
CA THR B 80 -10.62 29.30 41.62
C THR B 80 -11.29 29.00 40.28
N LEU B 81 -10.51 29.00 39.19
CA LEU B 81 -11.02 28.74 37.83
C LEU B 81 -11.84 29.90 37.25
N ASP B 82 -11.79 31.05 37.93
CA ASP B 82 -12.34 32.29 37.41
C ASP B 82 -11.71 32.63 36.05
N ASN B 83 -12.53 33.14 35.12
CA ASN B 83 -12.08 33.53 33.79
C ASN B 83 -11.40 32.40 33.00
N ASP B 84 -12.04 31.24 32.98
CA ASP B 84 -11.49 30.08 32.29
C ASP B 84 -11.83 30.11 30.79
N ILE B 85 -11.04 30.86 30.03
CA ILE B 85 -11.29 31.05 28.61
C ILE B 85 -9.96 31.34 27.92
N MET B 86 -9.86 30.94 26.66
CA MET B 86 -8.58 31.01 25.96
C MET B 86 -8.87 31.25 24.48
N LEU B 87 -7.99 32.01 23.83
CA LEU B 87 -8.08 32.18 22.39
C LEU B 87 -6.93 31.52 21.68
N ILE B 88 -7.21 30.89 20.56
CA ILE B 88 -6.16 30.34 19.73
C ILE B 88 -6.19 31.00 18.36
N LYS B 89 -5.07 31.59 17.98
CA LYS B 89 -4.94 32.12 16.63
C LYS B 89 -4.35 31.03 15.74
N LEU B 90 -4.95 30.79 14.59
CA LEU B 90 -4.44 29.78 13.66
C LEU B 90 -3.35 30.31 12.71
N SER B 91 -2.38 29.47 12.38
CA SER B 91 -1.27 29.90 11.52
C SER B 91 -1.70 30.06 10.08
N SER B 92 -2.82 29.43 9.72
CA SER B 92 -3.47 29.76 8.46
C SER B 92 -4.96 29.93 8.73
N PRO B 93 -5.64 30.75 7.91
CA PRO B 93 -7.10 30.91 8.06
C PRO B 93 -7.83 29.63 7.68
N ALA B 94 -8.87 29.27 8.42
CA ALA B 94 -9.66 28.11 8.05
C ALA B 94 -10.36 28.44 6.75
N VAL B 95 -10.60 27.44 5.91
CA VAL B 95 -11.34 27.65 4.67
C VAL B 95 -12.81 27.36 4.97
N ILE B 96 -13.66 28.37 4.80
CA ILE B 96 -15.07 28.26 5.13
C ILE B 96 -15.82 27.49 4.06
N ASN B 97 -16.59 26.50 4.47
CA ASN B 97 -17.39 25.72 3.54
C ASN B 97 -18.54 25.06 4.29
N ALA B 98 -19.07 23.95 3.79
CA ALA B 98 -20.28 23.39 4.40
C ALA B 98 -19.99 22.54 5.64
N ARG B 99 -18.72 22.23 5.88
CA ARG B 99 -18.35 21.38 7.01
C ARG B 99 -17.40 22.10 7.98
N VAL B 100 -16.96 23.29 7.58
CA VAL B 100 -16.14 24.14 8.43
C VAL B 100 -16.67 25.57 8.38
N SER B 101 -17.14 26.06 9.51
CA SER B 101 -17.86 27.32 9.53
C SER B 101 -17.94 27.90 10.94
N THR B 102 -18.21 29.21 11.03
CA THR B 102 -18.11 29.90 12.30
C THR B 102 -19.42 29.88 13.09
N ILE B 103 -19.30 30.06 14.40
CA ILE B 103 -20.45 30.23 15.29
C ILE B 103 -20.41 31.64 15.86
N SER B 104 -21.54 32.35 15.76
CA SER B 104 -21.57 33.76 16.12
C SER B 104 -21.41 33.98 17.60
N LEU B 105 -20.80 35.10 17.96
CA LEU B 105 -20.70 35.47 19.37
C LEU B 105 -22.09 35.89 19.88
N PRO B 106 -22.30 35.82 21.20
CA PRO B 106 -23.58 36.13 21.84
C PRO B 106 -23.83 37.63 21.92
N THR B 107 -25.05 38.03 21.60
CA THR B 107 -25.45 39.44 21.68
C THR B 107 -26.13 39.79 23.01
N ALA B 108 -26.56 38.76 23.73
CA ALA B 108 -27.12 38.89 25.07
C ALA B 108 -26.64 37.72 25.92
N PRO B 109 -26.69 37.86 27.25
CA PRO B 109 -26.25 36.78 28.13
C PRO B 109 -27.25 35.63 28.07
N PRO B 110 -26.90 34.50 28.68
CA PRO B 110 -27.77 33.32 28.63
C PRO B 110 -29.04 33.55 29.48
N ALA B 111 -30.20 33.18 28.96
CA ALA B 111 -31.44 33.29 29.71
C ALA B 111 -31.82 31.95 30.35
N ALA B 112 -32.15 31.98 31.65
CA ALA B 112 -32.60 30.78 32.35
C ALA B 112 -33.76 30.11 31.64
N GLY B 113 -33.67 28.80 31.49
CA GLY B 113 -34.73 28.04 30.86
C GLY B 113 -34.49 27.76 29.38
N THR B 114 -33.54 28.47 28.78
CA THR B 114 -33.31 28.29 27.35
C THR B 114 -32.59 26.98 27.07
N GLU B 115 -33.10 26.24 26.09
CA GLU B 115 -32.51 24.97 25.69
C GLU B 115 -31.25 25.21 24.84
N CYS B 116 -30.21 24.42 25.10
CA CYS B 116 -28.90 24.67 24.52
C CYS B 116 -28.29 23.39 23.99
N LEU B 117 -27.32 23.53 23.09
CA LEU B 117 -26.62 22.39 22.54
C LEU B 117 -25.19 22.38 23.04
N ILE B 118 -24.82 21.31 23.74
CA ILE B 118 -23.47 21.09 24.21
C ILE B 118 -22.89 19.91 23.44
N SER B 119 -21.63 19.98 23.05
CA SER B 119 -21.10 18.95 22.16
C SER B 119 -19.63 18.65 22.43
N GLY B 120 -19.21 17.42 22.16
CA GLY B 120 -17.81 17.07 22.29
C GLY B 120 -17.53 15.58 22.23
N TRP B 121 -16.26 15.23 22.33
CA TRP B 121 -15.83 13.85 22.29
C TRP B 121 -15.46 13.35 23.69
N GLY B 122 -16.04 13.96 24.72
CA GLY B 122 -15.67 13.61 26.09
C GLY B 122 -16.22 12.25 26.53
N ASN B 123 -15.75 11.78 27.67
CA ASN B 123 -16.26 10.56 28.29
C ASN B 123 -17.78 10.48 28.32
N THR B 124 -18.31 9.29 28.09
CA THR B 124 -19.75 9.11 28.04
C THR B 124 -20.32 8.44 29.30
N LEU B 125 -19.46 8.15 30.27
CA LEU B 125 -19.86 7.45 31.49
C LEU B 125 -19.61 8.24 32.78
N SER B 126 -20.57 8.23 33.68
CA SER B 126 -20.43 8.92 34.98
C SER B 126 -19.47 8.20 35.95
N PHE B 127 -19.33 6.90 35.81
CA PHE B 127 -18.44 6.13 36.65
C PHE B 127 -17.79 5.08 35.77
N GLY B 128 -16.57 5.35 35.34
CA GLY B 128 -15.91 4.51 34.37
C GLY B 128 -15.32 5.32 33.23
N ALA B 129 -14.85 4.63 32.20
CA ALA B 129 -14.27 5.29 31.04
C ALA B 129 -14.75 4.66 29.74
N ASP B 130 -15.51 5.43 28.97
CA ASP B 130 -15.86 5.06 27.61
C ASP B 130 -15.80 6.30 26.69
N TYR B 131 -14.63 6.51 26.09
CA TYR B 131 -14.42 7.66 25.22
C TYR B 131 -14.80 7.36 23.77
N PRO B 132 -15.72 8.17 23.22
CA PRO B 132 -16.27 7.99 21.86
C PRO B 132 -15.32 8.47 20.76
N ASP B 133 -15.59 8.06 19.53
CA ASP B 133 -14.83 8.49 18.37
C ASP B 133 -15.64 9.45 17.54
N GLU B 134 -16.96 9.35 17.65
CA GLU B 134 -17.85 10.27 16.96
C GLU B 134 -18.33 11.38 17.88
N LEU B 135 -18.55 12.56 17.31
CA LEU B 135 -18.98 13.75 18.04
C LEU B 135 -20.33 13.52 18.72
N LYS B 136 -20.41 13.86 20.00
CA LYS B 136 -21.64 13.74 20.76
C LYS B 136 -22.29 15.11 21.05
N CYS B 137 -23.61 15.10 21.10
CA CYS B 137 -24.41 16.30 21.31
C CYS B 137 -25.31 16.08 22.50
N LEU B 138 -25.67 17.16 23.18
CA LEU B 138 -26.62 17.11 24.30
C LEU B 138 -27.50 18.34 24.29
N ASP B 139 -28.81 18.14 24.50
CA ASP B 139 -29.74 19.26 24.65
C ASP B 139 -29.97 19.56 26.12
N ALA B 140 -29.62 20.75 26.55
CA ALA B 140 -29.70 21.06 27.97
C ALA B 140 -30.09 22.50 28.24
N PRO B 141 -30.89 22.71 29.29
CA PRO B 141 -31.41 24.03 29.66
C PRO B 141 -30.39 24.83 30.48
N VAL B 142 -30.41 26.14 30.32
CA VAL B 142 -29.70 27.03 31.23
C VAL B 142 -30.42 27.03 32.58
N LEU B 143 -29.65 26.88 33.66
CA LEU B 143 -30.19 26.88 35.02
C LEU B 143 -30.18 28.28 35.63
N THR B 144 -31.00 28.51 36.66
CA THR B 144 -30.98 29.80 37.35
C THR B 144 -29.67 30.04 38.11
N GLN B 145 -29.37 31.29 38.40
CA GLN B 145 -28.19 31.60 39.19
C GLN B 145 -28.28 30.99 40.59
N ALA B 146 -29.46 31.02 41.21
CA ALA B 146 -29.59 30.40 42.53
C ALA B 146 -29.30 28.90 42.45
N GLU B 147 -29.86 28.25 41.44
CA GLU B 147 -29.62 26.84 41.25
C GLU B 147 -28.13 26.54 41.14
N CYS B 148 -27.43 27.39 40.43
CA CYS B 148 -26.00 27.21 40.21
C CYS B 148 -25.23 27.34 41.52
N LYS B 149 -25.50 28.42 42.24
CA LYS B 149 -24.80 28.72 43.48
C LYS B 149 -25.16 27.74 44.58
N ALA B 150 -26.39 27.25 44.60
CA ALA B 150 -26.77 26.29 45.62
C ALA B 150 -26.09 24.95 45.35
N SER B 151 -25.88 24.64 44.06
CA SER B 151 -25.18 23.40 43.73
C SER B 151 -23.72 23.48 44.17
N TYR B 152 -23.14 24.68 44.18
CA TYR B 152 -21.72 24.83 44.46
C TYR B 152 -21.36 25.97 45.43
N PRO B 153 -21.79 25.85 46.68
CA PRO B 153 -21.60 26.95 47.63
C PRO B 153 -20.19 27.51 47.60
N GLY B 154 -20.10 28.82 47.46
CA GLY B 154 -18.83 29.53 47.49
C GLY B 154 -17.86 29.30 46.33
N LYS B 155 -18.32 28.65 45.27
CA LYS B 155 -17.41 28.31 44.17
C LYS B 155 -17.70 29.07 42.87
N ILE B 156 -18.93 29.55 42.72
CA ILE B 156 -19.37 30.18 41.47
C ILE B 156 -19.00 31.66 41.38
N THR B 157 -18.08 31.99 40.48
CA THR B 157 -17.68 33.36 40.21
C THR B 157 -18.60 34.04 39.19
N ASN B 158 -18.33 35.31 38.90
CA ASN B 158 -19.11 36.03 37.90
C ASN B 158 -18.92 35.51 36.48
N SER B 159 -17.87 34.73 36.27
CA SER B 159 -17.56 34.25 34.92
C SER B 159 -18.22 32.92 34.61
N MET B 160 -18.97 32.37 35.58
CA MET B 160 -19.49 31.02 35.45
C MET B 160 -21.01 30.97 35.46
N PHE B 161 -21.56 29.99 34.75
CA PHE B 161 -22.99 29.68 34.82
C PHE B 161 -23.18 28.18 34.63
N CYS B 162 -24.35 27.69 35.02
CA CYS B 162 -24.61 26.26 34.97
C CYS B 162 -25.62 25.90 33.91
N VAL B 163 -25.38 24.78 33.25
CA VAL B 163 -26.28 24.22 32.24
C VAL B 163 -26.38 22.74 32.54
N GLY B 164 -27.57 22.17 32.48
CA GLY B 164 -27.70 20.75 32.71
C GLY B 164 -28.93 20.35 33.48
N PHE B 165 -28.79 19.30 34.30
CA PHE B 165 -29.94 18.72 34.99
C PHE B 165 -29.61 18.41 36.45
N LEU B 166 -30.36 18.99 37.38
CA LEU B 166 -30.13 18.71 38.79
C LEU B 166 -30.38 17.23 39.12
N GLU B 167 -31.24 16.57 38.35
CA GLU B 167 -31.51 15.16 38.59
C GLU B 167 -30.33 14.27 38.22
N GLY B 168 -29.34 14.85 37.54
CA GLY B 168 -28.17 14.10 37.09
C GLY B 168 -28.44 13.31 35.81
N GLY B 169 -27.45 12.58 35.33
CA GLY B 169 -27.64 11.70 34.19
C GLY B 169 -27.19 12.25 32.84
N LYS B 170 -27.19 13.58 32.73
CA LYS B 170 -26.82 14.26 31.49
C LYS B 170 -25.89 15.44 31.75
N ASP B 171 -24.70 15.39 31.16
CA ASP B 171 -23.68 16.38 31.49
C ASP B 171 -22.51 16.30 30.51
N SER B 172 -21.63 17.30 30.53
CA SER B 172 -20.35 17.23 29.82
C SER B 172 -19.32 16.57 30.75
N CYS B 173 -18.28 15.97 30.16
CA CYS B 173 -17.29 15.25 30.94
C CYS B 173 -15.84 15.45 30.46
N GLN B 174 -14.91 14.68 31.01
CA GLN B 174 -13.51 14.83 30.63
C GLN B 174 -13.31 14.67 29.12
N ARG B 175 -12.50 15.57 28.57
CA ARG B 175 -12.20 15.68 27.14
C ARG B 175 -13.21 16.52 26.37
N ASP B 176 -14.24 16.99 27.07
CA ASP B 176 -15.19 17.96 26.51
C ASP B 176 -14.74 19.42 26.73
N ALA B 177 -13.85 19.64 27.70
CA ALA B 177 -13.42 21.00 28.07
C ALA B 177 -13.08 21.87 26.88
N GLY B 178 -13.46 23.14 26.96
CA GLY B 178 -13.18 24.08 25.90
C GLY B 178 -14.18 24.04 24.75
N GLY B 179 -15.07 23.05 24.78
CA GLY B 179 -16.07 22.90 23.72
C GLY B 179 -17.26 23.81 23.91
N PRO B 180 -18.10 23.93 22.88
CA PRO B 180 -19.17 24.93 22.81
C PRO B 180 -20.46 24.58 23.53
N VAL B 181 -21.12 25.60 24.09
CA VAL B 181 -22.53 25.57 24.47
C VAL B 181 -23.27 26.56 23.57
N VAL B 182 -24.13 26.06 22.69
CA VAL B 182 -24.79 26.92 21.69
C VAL B 182 -26.28 27.09 21.99
N CYS B 183 -26.74 28.35 22.02
CA CYS B 183 -28.15 28.68 22.27
C CYS B 183 -28.71 29.58 21.18
N ASN B 184 -29.71 29.10 20.46
CA ASN B 184 -30.28 29.89 19.37
C ASN B 184 -29.19 30.47 18.45
N GLY B 185 -28.32 29.60 17.96
CA GLY B 185 -27.27 30.00 17.04
C GLY B 185 -26.26 31.03 17.54
N GLN B 186 -25.97 31.02 18.84
CA GLN B 186 -24.90 31.84 19.39
C GLN B 186 -24.08 31.02 20.40
N LEU B 187 -22.79 31.34 20.53
CA LEU B 187 -21.93 30.68 21.52
C LEU B 187 -22.06 31.31 22.90
N GLN B 188 -22.74 30.62 23.81
CA GLN B 188 -22.98 31.17 25.14
C GLN B 188 -22.00 30.66 26.21
N GLY B 189 -21.47 29.45 26.04
CA GLY B 189 -20.59 28.90 27.06
C GLY B 189 -19.43 28.09 26.56
N VAL B 190 -18.42 27.95 27.40
CA VAL B 190 -17.31 27.06 27.15
C VAL B 190 -17.32 26.03 28.26
N VAL B 191 -17.28 24.76 27.90
CA VAL B 191 -17.21 23.69 28.89
C VAL B 191 -16.03 23.92 29.82
N SER B 192 -16.30 23.98 31.13
CA SER B 192 -15.26 24.30 32.11
C SER B 192 -15.00 23.21 33.14
N TRP B 193 -15.86 23.11 34.15
CA TRP B 193 -15.61 22.17 35.24
C TRP B 193 -16.89 21.63 35.81
N GLY B 194 -16.74 20.77 36.83
CA GLY B 194 -17.87 20.23 37.57
C GLY B 194 -17.38 19.27 38.64
N HIS B 195 -18.26 18.89 39.55
CA HIS B 195 -17.95 17.84 40.50
C HIS B 195 -18.41 16.52 39.89
N GLY B 196 -17.47 15.76 39.36
CA GLY B 196 -17.82 14.59 38.58
C GLY B 196 -18.56 14.99 37.32
N CYS B 197 -19.27 14.04 36.72
CA CYS B 197 -20.02 14.31 35.50
C CYS B 197 -21.39 13.67 35.62
N ALA B 198 -22.44 14.48 35.49
CA ALA B 198 -23.80 13.98 35.51
C ALA B 198 -24.21 13.42 36.87
N TRP B 199 -23.48 13.78 37.93
CA TRP B 199 -23.91 13.48 39.29
C TRP B 199 -25.07 14.37 39.70
N LYS B 200 -25.92 13.84 40.57
CA LYS B 200 -27.09 14.58 41.03
C LYS B 200 -26.70 15.86 41.78
N ASN B 201 -27.41 16.95 41.47
CA ASN B 201 -27.17 18.27 42.05
C ASN B 201 -25.79 18.87 41.76
N ARG B 202 -25.13 18.37 40.72
CA ARG B 202 -23.86 18.94 40.29
C ARG B 202 -23.90 19.16 38.79
N PRO B 203 -24.68 20.16 38.36
CA PRO B 203 -24.71 20.50 36.94
C PRO B 203 -23.29 20.84 36.50
N GLY B 204 -23.02 20.80 35.20
CA GLY B 204 -21.73 21.27 34.72
C GLY B 204 -21.59 22.77 34.82
N VAL B 205 -20.38 23.25 35.13
CA VAL B 205 -20.15 24.70 35.14
C VAL B 205 -19.44 25.14 33.85
N TYR B 206 -19.91 26.25 33.27
CA TYR B 206 -19.48 26.74 31.96
C TYR B 206 -19.09 28.20 32.03
N THR B 207 -18.10 28.58 31.24
CA THR B 207 -17.69 29.98 31.17
C THR B 207 -18.69 30.80 30.35
N LYS B 208 -19.05 31.95 30.90
CA LYS B 208 -20.07 32.81 30.31
C LYS B 208 -19.40 33.67 29.24
N VAL B 209 -19.58 33.25 27.97
CA VAL B 209 -18.83 33.83 26.87
C VAL B 209 -19.21 35.28 26.64
N TYR B 210 -20.47 35.61 26.93
CA TYR B 210 -20.97 36.98 26.75
C TYR B 210 -20.10 38.01 27.47
N ASN B 211 -19.59 37.63 28.64
CA ASN B 211 -18.71 38.49 29.42
C ASN B 211 -17.38 38.87 28.74
N TYR B 212 -16.97 38.08 27.75
CA TYR B 212 -15.65 38.25 27.14
C TYR B 212 -15.71 38.71 25.69
N VAL B 213 -16.88 39.17 25.25
CA VAL B 213 -17.04 39.55 23.87
C VAL B 213 -16.05 40.63 23.46
N ASP B 214 -15.88 41.66 24.29
CA ASP B 214 -14.97 42.75 23.95
C ASP B 214 -13.51 42.33 24.02
N TRP B 215 -13.17 41.50 25.00
CA TRP B 215 -11.81 40.99 25.10
C TRP B 215 -11.45 40.18 23.86
N ILE B 216 -12.43 39.42 23.38
CA ILE B 216 -12.28 38.62 22.18
C ILE B 216 -12.13 39.46 20.91
N LYS B 217 -12.94 40.48 20.75
CA LYS B 217 -12.82 41.30 19.56
C LYS B 217 -11.55 42.15 19.61
N ASP B 218 -11.23 42.68 20.78
CA ASP B 218 -10.03 43.49 20.91
C ASP B 218 -8.77 42.65 20.62
N THR B 219 -8.74 41.43 21.13
CA THR B 219 -7.58 40.54 20.98
C THR B 219 -7.40 40.11 19.51
N ILE B 220 -8.49 39.93 18.80
CA ILE B 220 -8.40 39.52 17.42
C ILE B 220 -7.82 40.68 16.62
N ALA B 221 -8.15 41.90 17.03
CA ALA B 221 -7.65 43.08 16.36
C ALA B 221 -6.19 43.35 16.71
N ALA B 222 -5.83 43.14 17.97
CA ALA B 222 -4.45 43.29 18.41
C ALA B 222 -3.51 42.31 17.68
N ASN B 223 -4.09 41.27 17.10
CA ASN B 223 -3.31 40.21 16.48
C ASN B 223 -3.66 39.95 15.01
N SER B 224 -4.20 40.98 14.34
CA SER B 224 -4.53 40.91 12.91
C SER B 224 -3.70 39.87 12.16
N ILE C 1 -28.09 -1.04 -15.68
CA ILE C 1 -28.12 -0.51 -14.31
C ILE C 1 -29.54 -0.21 -13.86
N VAL C 2 -29.96 -0.86 -12.79
CA VAL C 2 -31.29 -0.63 -12.23
C VAL C 2 -31.16 0.21 -10.97
N GLY C 3 -31.98 1.24 -10.86
CA GLY C 3 -31.97 2.08 -9.67
C GLY C 3 -30.73 2.95 -9.53
N GLY C 4 -30.09 3.26 -10.66
CA GLY C 4 -28.92 4.14 -10.62
C GLY C 4 -29.23 5.54 -11.10
N TYR C 5 -28.23 6.21 -11.64
CA TYR C 5 -28.44 7.55 -12.16
C TYR C 5 -27.56 7.78 -13.38
N THR C 6 -27.92 8.76 -14.19
CA THR C 6 -27.13 9.08 -15.37
C THR C 6 -25.83 9.70 -14.93
N CYS C 7 -24.71 9.17 -15.43
CA CYS C 7 -23.39 9.68 -15.09
C CYS C 7 -23.25 11.08 -15.64
N GLU C 8 -22.42 11.87 -14.98
CA GLU C 8 -21.89 13.10 -15.55
C GLU C 8 -21.18 12.72 -16.84
N GLU C 9 -21.47 13.46 -17.90
CA GLU C 9 -20.94 13.22 -19.25
C GLU C 9 -19.41 13.10 -19.31
N ASN C 10 -18.93 12.01 -19.89
CA ASN C 10 -17.48 11.79 -20.04
C ASN C 10 -16.72 11.82 -18.71
N SER C 11 -17.42 11.43 -17.65
CA SER C 11 -16.91 11.44 -16.29
C SER C 11 -16.20 10.11 -15.96
N LEU C 12 -16.48 9.09 -16.75
CA LEU C 12 -15.82 7.80 -16.59
CA LEU C 12 -15.83 7.80 -16.58
C LEU C 12 -15.06 7.45 -17.86
N PRO C 13 -13.93 8.13 -18.09
CA PRO C 13 -13.08 8.06 -19.28
C PRO C 13 -12.51 6.66 -19.51
N TYR C 14 -12.62 5.78 -18.52
CA TYR C 14 -12.11 4.41 -18.64
C TYR C 14 -13.20 3.46 -19.10
N GLN C 15 -14.45 3.93 -19.07
CA GLN C 15 -15.59 3.12 -19.52
C GLN C 15 -15.59 3.01 -21.04
N VAL C 16 -15.55 1.79 -21.55
CA VAL C 16 -15.62 1.56 -22.98
C VAL C 16 -16.79 0.65 -23.30
N SER C 17 -17.07 0.45 -24.58
CA SER C 17 -18.10 -0.50 -24.99
C SER C 17 -17.64 -1.47 -26.09
N LEU C 18 -18.13 -2.71 -26.06
CA LEU C 18 -17.80 -3.68 -27.10
C LEU C 18 -18.93 -3.72 -28.12
N ASN C 19 -18.57 -3.77 -29.39
CA ASN C 19 -19.57 -3.70 -30.44
C ASN C 19 -19.41 -4.71 -31.53
N SER C 20 -20.56 -5.15 -32.05
CA SER C 20 -20.62 -5.96 -33.25
C SER C 20 -21.74 -5.34 -34.06
N GLY C 21 -22.91 -5.30 -33.45
CA GLY C 21 -23.99 -4.49 -33.99
C GLY C 21 -23.55 -3.04 -34.15
N SER C 22 -23.83 -2.17 -33.19
CA SER C 22 -24.54 -2.46 -31.93
C SER C 22 -23.68 -2.83 -30.71
N HIS C 23 -23.87 -2.03 -29.67
CA HIS C 23 -23.30 -2.22 -28.35
C HIS C 23 -23.91 -3.47 -27.73
N PHE C 24 -23.07 -4.32 -27.12
CA PHE C 24 -23.55 -5.57 -26.52
C PHE C 24 -22.89 -5.87 -25.18
N CYS C 25 -21.76 -5.22 -24.90
CA CYS C 25 -21.05 -5.38 -23.63
C CYS C 25 -20.30 -4.11 -23.27
N GLY C 26 -19.85 -4.03 -22.03
CA GLY C 26 -18.98 -2.94 -21.61
C GLY C 26 -17.55 -3.42 -21.37
N GLY C 27 -16.68 -2.50 -20.95
CA GLY C 27 -15.29 -2.85 -20.69
C GLY C 27 -14.55 -1.70 -20.08
N SER C 28 -13.33 -1.97 -19.63
CA SER C 28 -12.49 -0.97 -18.97
C SER C 28 -11.14 -0.80 -19.67
N LEU C 29 -10.74 0.44 -19.91
CA LEU C 29 -9.41 0.72 -20.47
C LEU C 29 -8.35 0.69 -19.38
N ILE C 30 -7.38 -0.21 -19.49
CA ILE C 30 -6.33 -0.29 -18.49
C ILE C 30 -4.97 0.21 -18.99
N SER C 31 -4.82 0.29 -20.31
CA SER C 31 -3.70 1.00 -20.95
C SER C 31 -4.16 1.54 -22.30
N GLU C 32 -3.31 2.29 -22.98
CA GLU C 32 -3.71 2.88 -24.26
C GLU C 32 -4.08 1.79 -25.27
N GLN C 33 -3.63 0.57 -25.01
CA GLN C 33 -3.81 -0.52 -25.96
C GLN C 33 -4.62 -1.71 -25.49
N TRP C 34 -4.90 -1.80 -24.19
CA TRP C 34 -5.54 -2.99 -23.64
C TRP C 34 -6.82 -2.69 -22.90
N VAL C 35 -7.84 -3.52 -23.14
CA VAL C 35 -9.13 -3.40 -22.48
C VAL C 35 -9.41 -4.67 -21.69
N VAL C 36 -9.92 -4.52 -20.47
CA VAL C 36 -10.41 -5.65 -19.70
C VAL C 36 -11.94 -5.73 -19.78
N SER C 37 -12.44 -6.94 -20.00
CA SER C 37 -13.87 -7.17 -20.11
C SER C 37 -14.16 -8.58 -19.58
N ALA C 38 -15.34 -9.11 -19.88
CA ALA C 38 -15.70 -10.45 -19.41
C ALA C 38 -15.54 -11.52 -20.49
N ALA C 39 -15.18 -12.74 -20.09
CA ALA C 39 -15.00 -13.84 -21.04
C ALA C 39 -16.27 -14.18 -21.81
N HIS C 40 -17.42 -14.12 -21.15
CA HIS C 40 -18.66 -14.50 -21.82
C HIS C 40 -19.09 -13.49 -22.89
N CYS C 41 -18.41 -12.34 -22.95
CA CYS C 41 -18.66 -11.36 -24.02
C CYS C 41 -17.80 -11.63 -25.24
N TYR C 42 -17.10 -12.76 -25.25
CA TYR C 42 -16.21 -13.10 -26.36
C TYR C 42 -16.92 -13.22 -27.70
N LYS C 43 -16.27 -12.69 -28.74
CA LYS C 43 -16.64 -12.92 -30.13
C LYS C 43 -15.34 -12.90 -30.92
N THR C 44 -15.35 -13.34 -32.17
CA THR C 44 -14.13 -13.32 -32.96
C THR C 44 -13.87 -11.95 -33.61
N ARG C 45 -14.91 -11.14 -33.76
CA ARG C 45 -14.80 -9.85 -34.40
C ARG C 45 -15.48 -8.79 -33.56
N ILE C 46 -14.68 -7.86 -33.00
CA ILE C 46 -15.20 -6.86 -32.08
C ILE C 46 -14.61 -5.47 -32.33
N GLN C 47 -15.48 -4.47 -32.37
CA GLN C 47 -15.04 -3.08 -32.39
C GLN C 47 -15.22 -2.48 -31.01
N VAL C 48 -14.16 -1.85 -30.51
CA VAL C 48 -14.21 -1.15 -29.24
C VAL C 48 -14.50 0.35 -29.47
N ARG C 49 -15.43 0.90 -28.70
CA ARG C 49 -15.74 2.33 -28.77
C ARG C 49 -15.41 3.01 -27.46
N LEU C 50 -14.78 4.18 -27.55
CA LEU C 50 -14.32 4.90 -26.37
C LEU C 50 -14.80 6.35 -26.38
N GLY C 51 -14.97 6.91 -25.19
CA GLY C 51 -15.32 8.33 -25.03
C GLY C 51 -16.79 8.58 -25.25
N GLU C 52 -17.60 7.54 -25.10
CA GLU C 52 -19.03 7.65 -25.37
C GLU C 52 -19.80 8.10 -24.16
N HIS C 53 -20.91 8.78 -24.41
CA HIS C 53 -21.89 9.01 -23.36
C HIS C 53 -23.25 8.51 -23.81
N ASN C 54 -23.74 9.05 -24.92
CA ASN C 54 -24.94 8.54 -25.54
C ASN C 54 -24.53 7.59 -26.64
N ILE C 55 -24.93 6.32 -26.53
CA ILE C 55 -24.47 5.31 -27.49
C ILE C 55 -25.24 5.35 -28.82
N LYS C 56 -26.34 6.10 -28.84
CA LYS C 56 -27.17 6.20 -30.03
C LYS C 56 -26.98 7.52 -30.77
N VAL C 57 -26.04 8.35 -30.31
CA VAL C 57 -25.80 9.67 -30.89
C VAL C 57 -24.31 9.96 -31.10
N LEU C 58 -23.96 10.48 -32.27
CA LEU C 58 -22.59 10.94 -32.52
C LEU C 58 -22.38 12.31 -31.86
N GLU C 59 -21.58 12.34 -30.80
CA GLU C 59 -21.36 13.57 -30.04
C GLU C 59 -19.95 14.08 -30.30
N GLY C 60 -19.27 13.47 -31.26
CA GLY C 60 -17.95 13.92 -31.70
C GLY C 60 -16.73 13.52 -30.86
N ASN C 61 -16.96 13.02 -29.64
CA ASN C 61 -15.86 12.67 -28.74
C ASN C 61 -15.34 11.23 -28.88
N GLU C 62 -16.00 10.44 -29.73
CA GLU C 62 -15.79 9.00 -29.74
C GLU C 62 -14.57 8.52 -30.51
N GLN C 63 -13.99 7.43 -30.03
CA GLN C 63 -13.02 6.71 -30.81
C GLN C 63 -13.58 5.32 -31.16
N PHE C 64 -13.32 4.87 -32.38
CA PHE C 64 -13.74 3.56 -32.86
C PHE C 64 -12.52 2.77 -33.25
N ILE C 65 -12.21 1.70 -32.52
CA ILE C 65 -10.99 0.93 -32.79
C ILE C 65 -11.27 -0.57 -32.82
N ASN C 66 -10.76 -1.24 -33.85
CA ASN C 66 -10.93 -2.70 -33.95
C ASN C 66 -10.11 -3.44 -32.92
N ALA C 67 -10.68 -4.50 -32.39
CA ALA C 67 -9.93 -5.41 -31.53
C ALA C 67 -9.01 -6.25 -32.41
N ALA C 68 -7.71 -6.12 -32.20
CA ALA C 68 -6.76 -6.85 -33.00
C ALA C 68 -6.45 -8.21 -32.36
N LYS C 69 -6.66 -8.32 -31.05
CA LYS C 69 -6.51 -9.58 -30.33
C LYS C 69 -7.60 -9.70 -29.27
N ILE C 70 -8.18 -10.88 -29.15
CA ILE C 70 -9.24 -11.10 -28.17
C ILE C 70 -8.94 -12.37 -27.37
N ILE C 71 -8.55 -12.19 -26.11
CA ILE C 71 -8.01 -13.28 -25.32
C ILE C 71 -8.80 -13.52 -24.06
N ARG C 72 -9.52 -14.63 -24.03
CA ARG C 72 -10.18 -15.03 -22.81
C ARG C 72 -9.18 -15.65 -21.85
N HIS C 73 -9.45 -15.54 -20.56
CA HIS C 73 -8.62 -16.26 -19.62
C HIS C 73 -8.58 -17.76 -19.98
N PRO C 74 -7.37 -18.34 -20.04
CA PRO C 74 -7.30 -19.72 -20.52
C PRO C 74 -8.16 -20.66 -19.68
N LYS C 75 -8.37 -20.34 -18.41
CA LYS C 75 -9.06 -21.24 -17.50
C LYS C 75 -10.54 -20.90 -17.31
N TYR C 76 -11.03 -19.98 -18.13
CA TYR C 76 -12.45 -19.63 -18.13
C TYR C 76 -13.33 -20.88 -18.28
N ASN C 77 -14.46 -20.88 -17.58
CA ASN C 77 -15.36 -22.03 -17.59
C ASN C 77 -16.79 -21.60 -17.89
N ARG C 78 -17.31 -21.97 -19.05
CA ARG C 78 -18.60 -21.44 -19.48
C ARG C 78 -19.77 -22.09 -18.76
N ASP C 79 -19.48 -23.13 -17.99
CA ASP C 79 -20.50 -23.76 -17.13
C ASP C 79 -20.52 -23.19 -15.72
N THR C 80 -19.36 -23.03 -15.09
CA THR C 80 -19.32 -22.45 -13.73
C THR C 80 -19.11 -20.94 -13.70
N LEU C 81 -18.73 -20.35 -14.83
CA LEU C 81 -18.40 -18.93 -14.94
C LEU C 81 -17.12 -18.56 -14.17
N ASP C 82 -16.38 -19.56 -13.71
CA ASP C 82 -15.09 -19.32 -13.08
C ASP C 82 -14.13 -18.61 -14.05
N ASN C 83 -13.34 -17.67 -13.51
CA ASN C 83 -12.33 -16.96 -14.31
C ASN C 83 -12.95 -16.19 -15.50
N ASP C 84 -14.09 -15.53 -15.28
CA ASP C 84 -14.80 -14.84 -16.34
C ASP C 84 -14.17 -13.48 -16.60
N ILE C 85 -13.09 -13.48 -17.37
CA ILE C 85 -12.36 -12.27 -17.68
C ILE C 85 -11.62 -12.40 -19.01
N MET C 86 -11.51 -11.28 -19.72
CA MET C 86 -10.98 -11.29 -21.07
C MET C 86 -10.18 -10.02 -21.31
N LEU C 87 -9.09 -10.15 -22.05
CA LEU C 87 -8.30 -9.01 -22.47
C LEU C 87 -8.52 -8.79 -23.95
N ILE C 88 -8.62 -7.52 -24.35
CA ILE C 88 -8.67 -7.16 -25.75
C ILE C 88 -7.52 -6.21 -26.07
N LYS C 89 -6.78 -6.49 -27.15
CA LYS C 89 -5.75 -5.56 -27.62
C LYS C 89 -6.27 -4.75 -28.81
N LEU C 90 -6.27 -3.43 -28.68
CA LEU C 90 -6.69 -2.52 -29.76
C LEU C 90 -5.70 -2.56 -30.91
N SER C 91 -6.18 -2.38 -32.14
CA SER C 91 -5.29 -2.49 -33.30
C SER C 91 -4.38 -1.27 -33.42
N SER C 92 -4.68 -0.26 -32.62
CA SER C 92 -3.84 0.92 -32.49
C SER C 92 -4.16 1.54 -31.14
N PRO C 93 -3.17 2.18 -30.51
CA PRO C 93 -3.39 2.84 -29.22
C PRO C 93 -4.56 3.81 -29.27
N ALA C 94 -5.33 3.85 -28.21
CA ALA C 94 -6.31 4.90 -28.03
C ALA C 94 -5.59 6.23 -27.76
N VAL C 95 -6.19 7.31 -28.25
CA VAL C 95 -5.70 8.63 -27.88
C VAL C 95 -6.10 8.92 -26.44
N ILE C 96 -5.12 9.02 -25.55
CA ILE C 96 -5.38 9.28 -24.13
C ILE C 96 -5.52 10.77 -23.90
N ASN C 97 -6.70 11.19 -23.44
CA ASN C 97 -7.03 12.59 -23.25
C ASN C 97 -8.05 12.68 -22.11
N ALA C 98 -8.76 13.80 -22.01
CA ALA C 98 -9.65 14.01 -20.87
C ALA C 98 -10.89 13.11 -20.89
N ARG C 99 -11.30 12.69 -22.09
CA ARG C 99 -12.48 11.86 -22.27
C ARG C 99 -12.11 10.38 -22.32
N VAL C 100 -10.85 10.08 -22.63
CA VAL C 100 -10.39 8.70 -22.74
C VAL C 100 -9.12 8.48 -21.94
N SER C 101 -9.20 7.61 -20.93
CA SER C 101 -8.09 7.41 -20.03
C SER C 101 -8.15 6.08 -19.31
N THR C 102 -7.09 5.78 -18.55
CA THR C 102 -6.96 4.49 -17.89
C THR C 102 -7.50 4.43 -16.46
N ILE C 103 -7.75 3.21 -15.99
CA ILE C 103 -8.10 2.94 -14.62
C ILE C 103 -7.03 2.02 -14.03
N SER C 104 -6.55 2.33 -12.83
CA SER C 104 -5.53 1.54 -12.20
CA SER C 104 -5.53 1.53 -12.18
C SER C 104 -5.98 0.10 -11.92
N LEU C 105 -5.08 -0.86 -12.13
CA LEU C 105 -5.30 -2.23 -11.67
C LEU C 105 -5.24 -2.29 -10.12
N PRO C 106 -5.91 -3.27 -9.51
CA PRO C 106 -5.93 -3.31 -8.04
C PRO C 106 -4.58 -3.67 -7.41
N THR C 107 -4.31 -3.10 -6.23
CA THR C 107 -3.09 -3.44 -5.49
C THR C 107 -3.46 -4.24 -4.24
N ALA C 108 -4.75 -4.48 -4.09
CA ALA C 108 -5.28 -5.28 -2.99
C ALA C 108 -6.69 -5.70 -3.35
N PRO C 109 -7.14 -6.84 -2.82
CA PRO C 109 -8.50 -7.35 -3.03
C PRO C 109 -9.57 -6.42 -2.44
N PRO C 110 -10.81 -6.56 -2.92
CA PRO C 110 -11.96 -5.76 -2.47
C PRO C 110 -12.23 -5.94 -0.97
N ALA C 111 -12.54 -4.86 -0.27
CA ALA C 111 -12.83 -4.98 1.17
C ALA C 111 -14.31 -4.80 1.50
N ALA C 112 -14.91 -5.81 2.14
CA ALA C 112 -16.32 -5.70 2.53
C ALA C 112 -16.61 -4.34 3.12
N GLY C 113 -17.73 -3.76 2.72
CA GLY C 113 -18.17 -2.49 3.25
C GLY C 113 -17.81 -1.32 2.34
N THR C 114 -16.71 -1.45 1.60
CA THR C 114 -16.27 -0.39 0.72
C THR C 114 -17.31 -0.03 -0.36
N GLU C 115 -17.59 1.25 -0.52
CA GLU C 115 -18.51 1.67 -1.56
C GLU C 115 -17.80 1.75 -2.90
N CYS C 116 -18.52 1.39 -3.96
CA CYS C 116 -17.97 1.26 -5.31
C CYS C 116 -18.86 1.94 -6.36
N LEU C 117 -18.24 2.28 -7.49
CA LEU C 117 -18.99 2.81 -8.62
C LEU C 117 -19.09 1.78 -9.73
N ILE C 118 -20.32 1.38 -10.07
CA ILE C 118 -20.60 0.49 -11.20
C ILE C 118 -21.28 1.28 -12.32
N SER C 119 -20.91 0.99 -13.58
CA SER C 119 -21.44 1.75 -14.71
C SER C 119 -21.74 0.90 -15.97
N GLY C 120 -22.68 1.37 -16.79
CA GLY C 120 -22.95 0.74 -18.06
C GLY C 120 -24.20 1.26 -18.75
N TRP C 121 -24.49 0.71 -19.94
CA TRP C 121 -25.68 1.08 -20.71
C TRP C 121 -26.75 -0.01 -20.63
N GLY C 122 -26.71 -0.81 -19.56
CA GLY C 122 -27.61 -1.92 -19.41
C GLY C 122 -29.04 -1.58 -18.99
N ASN C 123 -29.92 -2.56 -19.11
CA ASN C 123 -31.33 -2.44 -18.74
C ASN C 123 -31.53 -1.72 -17.40
N THR C 124 -32.59 -0.91 -17.33
CA THR C 124 -32.91 -0.15 -16.13
C THR C 124 -34.14 -0.71 -15.41
N LEU C 125 -34.65 -1.86 -15.89
CA LEU C 125 -35.83 -2.51 -15.31
C LEU C 125 -35.57 -3.96 -14.84
N SER C 126 -36.04 -4.31 -13.64
CA SER C 126 -35.93 -5.69 -13.16
C SER C 126 -36.83 -6.60 -13.99
N PHE C 127 -38.06 -6.13 -14.22
CA PHE C 127 -39.01 -6.81 -15.09
C PHE C 127 -39.48 -5.79 -16.12
N GLY C 128 -39.12 -6.03 -17.37
CA GLY C 128 -39.43 -5.08 -18.43
C GLY C 128 -38.16 -4.67 -19.16
N ALA C 129 -38.32 -4.01 -20.29
CA ALA C 129 -37.20 -3.61 -21.12
C ALA C 129 -37.12 -2.09 -21.30
N ASP C 130 -36.05 -1.50 -20.80
CA ASP C 130 -35.87 -0.06 -20.91
C ASP C 130 -34.39 0.29 -21.04
N TYR C 131 -33.81 -0.02 -22.19
CA TYR C 131 -32.40 0.23 -22.45
C TYR C 131 -32.10 1.69 -22.71
N PRO C 132 -31.28 2.30 -21.84
CA PRO C 132 -30.98 3.74 -21.85
C PRO C 132 -30.12 4.15 -23.05
N ASP C 133 -30.06 5.44 -23.32
CA ASP C 133 -29.15 5.95 -24.34
C ASP C 133 -27.91 6.50 -23.65
N GLU C 134 -28.09 6.95 -22.42
CA GLU C 134 -26.99 7.59 -21.71
C GLU C 134 -26.40 6.70 -20.62
N LEU C 135 -25.09 6.79 -20.44
CA LEU C 135 -24.36 6.02 -19.45
C LEU C 135 -24.96 6.13 -18.05
N LYS C 136 -25.17 4.99 -17.40
CA LYS C 136 -25.68 4.98 -16.02
C LYS C 136 -24.65 4.54 -14.98
N CYS C 137 -24.87 4.96 -13.75
CA CYS C 137 -23.93 4.76 -12.66
C CYS C 137 -24.70 4.32 -11.43
N LEU C 138 -24.02 3.56 -10.58
CA LEU C 138 -24.61 3.14 -9.32
C LEU C 138 -23.52 3.08 -8.25
N ASP C 139 -23.79 3.64 -7.08
CA ASP C 139 -22.90 3.35 -5.97
C ASP C 139 -23.45 2.19 -5.17
N ALA C 140 -22.57 1.28 -4.77
CA ALA C 140 -23.01 0.10 -4.05
C ALA C 140 -21.81 -0.50 -3.36
N PRO C 141 -22.02 -1.12 -2.20
CA PRO C 141 -20.94 -1.62 -1.36
C PRO C 141 -20.57 -3.06 -1.69
N VAL C 142 -19.32 -3.38 -1.40
CA VAL C 142 -18.84 -4.75 -1.51
C VAL C 142 -19.41 -5.55 -0.36
N LEU C 143 -20.01 -6.70 -0.67
CA LEU C 143 -20.63 -7.52 0.37
C LEU C 143 -19.61 -8.46 0.99
N THR C 144 -19.88 -8.94 2.20
CA THR C 144 -19.00 -9.94 2.83
C THR C 144 -19.07 -11.22 2.02
N GLN C 145 -18.01 -12.02 2.09
CA GLN C 145 -17.98 -13.30 1.39
C GLN C 145 -19.18 -14.15 1.83
N ALA C 146 -19.48 -14.09 3.13
CA ALA C 146 -20.59 -14.84 3.69
C ALA C 146 -21.93 -14.48 3.03
N GLU C 147 -22.20 -13.18 2.92
CA GLU C 147 -23.41 -12.70 2.30
C GLU C 147 -23.46 -13.17 0.83
N CYS C 148 -22.30 -13.20 0.20
CA CYS C 148 -22.20 -13.59 -1.20
C CYS C 148 -22.53 -15.06 -1.35
N LYS C 149 -21.72 -15.90 -0.71
CA LYS C 149 -21.95 -17.35 -0.72
C LYS C 149 -23.38 -17.75 -0.32
N ALA C 150 -23.97 -17.08 0.66
CA ALA C 150 -25.32 -17.43 1.09
C ALA C 150 -26.35 -17.08 0.03
N SER C 151 -26.09 -16.01 -0.71
CA SER C 151 -26.98 -15.58 -1.78
C SER C 151 -26.97 -16.56 -2.95
N TYR C 152 -25.82 -17.22 -3.14
CA TYR C 152 -25.67 -18.16 -4.23
C TYR C 152 -24.90 -19.42 -3.78
N PRO C 153 -25.55 -20.25 -2.96
CA PRO C 153 -24.84 -21.39 -2.36
C PRO C 153 -24.14 -22.24 -3.40
N GLY C 154 -22.86 -22.51 -3.17
CA GLY C 154 -22.09 -23.37 -4.04
C GLY C 154 -21.75 -22.84 -5.43
N LYS C 155 -22.06 -21.57 -5.68
CA LYS C 155 -21.84 -20.99 -7.01
C LYS C 155 -20.65 -20.03 -7.04
N ILE C 156 -20.24 -19.53 -5.88
CA ILE C 156 -19.22 -18.48 -5.81
C ILE C 156 -17.79 -19.03 -5.68
N THR C 157 -17.01 -18.88 -6.75
CA THR C 157 -15.64 -19.35 -6.75
C THR C 157 -14.68 -18.28 -6.23
N ASN C 158 -13.38 -18.56 -6.28
CA ASN C 158 -12.40 -17.62 -5.75
C ASN C 158 -12.25 -16.42 -6.66
N SER C 159 -12.79 -16.52 -7.86
CA SER C 159 -12.65 -15.46 -8.85
C SER C 159 -13.81 -14.47 -8.75
N MET C 160 -14.67 -14.66 -7.76
CA MET C 160 -15.94 -13.95 -7.71
C MET C 160 -16.18 -13.23 -6.39
N PHE C 161 -16.86 -12.09 -6.47
CA PHE C 161 -17.36 -11.41 -5.27
C PHE C 161 -18.68 -10.68 -5.57
N CYS C 162 -19.39 -10.28 -4.53
CA CYS C 162 -20.67 -9.64 -4.72
C CYS C 162 -20.66 -8.17 -4.35
N VAL C 163 -21.43 -7.39 -5.10
CA VAL C 163 -21.60 -5.98 -4.82
C VAL C 163 -23.07 -5.60 -4.99
N GLY C 164 -23.62 -4.91 -4.00
CA GLY C 164 -24.98 -4.43 -4.15
C GLY C 164 -25.81 -4.51 -2.90
N PHE C 165 -27.09 -4.78 -3.08
CA PHE C 165 -28.06 -4.65 -1.99
C PHE C 165 -28.94 -5.87 -1.86
N LEU C 166 -28.94 -6.47 -0.68
CA LEU C 166 -29.76 -7.65 -0.42
C LEU C 166 -31.26 -7.41 -0.59
N GLU C 167 -31.71 -6.17 -0.40
CA GLU C 167 -33.14 -5.87 -0.56
C GLU C 167 -33.55 -5.70 -2.02
N GLY C 168 -32.57 -5.78 -2.93
CA GLY C 168 -32.83 -5.61 -4.36
C GLY C 168 -33.11 -4.17 -4.75
N GLY C 169 -33.45 -3.96 -6.01
CA GLY C 169 -33.82 -2.64 -6.51
C GLY C 169 -32.68 -1.84 -7.12
N LYS C 170 -31.45 -2.25 -6.84
CA LYS C 170 -30.28 -1.60 -7.41
C LYS C 170 -29.24 -2.64 -7.81
N ASP C 171 -28.89 -2.69 -9.09
CA ASP C 171 -28.00 -3.72 -9.57
C ASP C 171 -27.56 -3.43 -11.00
N SER C 172 -26.60 -4.21 -11.49
CA SER C 172 -26.25 -4.22 -12.90
C SER C 172 -27.19 -5.18 -13.66
N CYS C 173 -27.22 -5.07 -14.99
CA CYS C 173 -28.18 -5.81 -15.80
C CYS C 173 -27.70 -6.00 -17.27
N GLN C 174 -28.52 -6.64 -18.10
CA GLN C 174 -28.13 -6.96 -19.47
C GLN C 174 -27.63 -5.71 -20.23
N ARG C 175 -26.46 -5.88 -20.83
CA ARG C 175 -25.66 -4.83 -21.50
C ARG C 175 -24.57 -4.22 -20.63
N ASP C 176 -24.55 -4.56 -19.34
CA ASP C 176 -23.52 -4.05 -18.44
C ASP C 176 -22.31 -4.98 -18.41
N ALA C 177 -22.51 -6.23 -18.81
CA ALA C 177 -21.43 -7.23 -18.74
C ALA C 177 -20.12 -6.71 -19.29
N GLY C 178 -19.05 -6.98 -18.54
CA GLY C 178 -17.72 -6.58 -18.96
C GLY C 178 -17.34 -5.22 -18.42
N GLY C 179 -18.35 -4.47 -17.97
CA GLY C 179 -18.15 -3.14 -17.41
C GLY C 179 -17.42 -3.12 -16.08
N PRO C 180 -16.95 -1.93 -15.67
CA PRO C 180 -16.11 -1.69 -14.50
C PRO C 180 -16.83 -1.64 -13.15
N VAL C 181 -16.17 -2.19 -12.13
CA VAL C 181 -16.50 -1.90 -10.76
C VAL C 181 -15.27 -1.25 -10.15
N VAL C 182 -15.35 0.04 -9.88
CA VAL C 182 -14.19 0.82 -9.45
C VAL C 182 -14.31 1.24 -8.00
N CYS C 183 -13.33 0.86 -7.18
CA CYS C 183 -13.32 1.21 -5.76
C CYS C 183 -12.07 1.98 -5.42
N ASN C 184 -12.26 3.22 -4.92
CA ASN C 184 -11.15 4.08 -4.52
C ASN C 184 -10.02 4.12 -5.55
N GLY C 185 -10.39 4.41 -6.79
CA GLY C 185 -9.43 4.60 -7.85
C GLY C 185 -8.80 3.35 -8.43
N GLN C 186 -9.35 2.17 -8.13
CA GLN C 186 -8.86 0.93 -8.72
C GLN C 186 -10.01 0.08 -9.29
N LEU C 187 -9.79 -0.50 -10.48
CA LEU C 187 -10.73 -1.45 -11.07
C LEU C 187 -10.69 -2.71 -10.22
N GLN C 188 -11.74 -2.95 -9.45
CA GLN C 188 -11.79 -4.10 -8.56
C GLN C 188 -12.59 -5.26 -9.11
N GLY C 189 -13.60 -4.96 -9.93
CA GLY C 189 -14.48 -6.00 -10.46
C GLY C 189 -14.88 -5.83 -11.92
N VAL C 190 -15.19 -6.96 -12.56
CA VAL C 190 -15.80 -6.98 -13.90
C VAL C 190 -17.24 -7.49 -13.76
N VAL C 191 -18.21 -6.72 -14.27
CA VAL C 191 -19.62 -7.11 -14.26
C VAL C 191 -19.77 -8.49 -14.92
N SER C 192 -20.31 -9.46 -14.19
CA SER C 192 -20.37 -10.83 -14.70
C SER C 192 -21.79 -11.41 -14.82
N TRP C 193 -22.40 -11.80 -13.70
CA TRP C 193 -23.70 -12.46 -13.74
C TRP C 193 -24.48 -12.26 -12.45
N GLY C 194 -25.74 -12.70 -12.46
CA GLY C 194 -26.60 -12.74 -11.30
C GLY C 194 -27.88 -13.45 -11.66
N HIS C 195 -28.69 -13.82 -10.66
CA HIS C 195 -30.00 -14.39 -10.94
CA HIS C 195 -30.01 -14.39 -10.91
C HIS C 195 -31.02 -13.25 -11.05
N GLY C 196 -31.27 -12.83 -12.29
CA GLY C 196 -32.10 -11.66 -12.53
C GLY C 196 -31.31 -10.38 -12.25
N CYS C 197 -32.00 -9.25 -12.17
CA CYS C 197 -31.33 -7.98 -11.88
C CYS C 197 -32.09 -7.27 -10.78
N ALA C 198 -31.40 -6.93 -9.70
CA ALA C 198 -31.99 -6.14 -8.62
C ALA C 198 -33.16 -6.86 -7.92
N TRP C 199 -33.10 -8.18 -7.89
CA TRP C 199 -34.05 -9.02 -7.13
C TRP C 199 -33.57 -9.14 -5.69
N LYS C 200 -34.51 -9.35 -4.77
CA LYS C 200 -34.17 -9.49 -3.37
C LYS C 200 -33.23 -10.67 -3.15
N ASN C 201 -32.21 -10.47 -2.33
CA ASN C 201 -31.21 -11.49 -2.02
C ASN C 201 -30.46 -12.05 -3.23
N ARG C 202 -30.47 -11.32 -4.34
CA ARG C 202 -29.75 -11.73 -5.54
C ARG C 202 -28.87 -10.60 -6.03
N PRO C 203 -27.77 -10.32 -5.31
CA PRO C 203 -26.88 -9.23 -5.73
C PRO C 203 -26.06 -9.67 -6.93
N GLY C 204 -25.47 -8.71 -7.63
CA GLY C 204 -24.65 -9.02 -8.79
C GLY C 204 -23.35 -9.70 -8.38
N VAL C 205 -22.89 -10.61 -9.23
CA VAL C 205 -21.61 -11.27 -9.01
C VAL C 205 -20.57 -10.68 -9.96
N TYR C 206 -19.36 -10.49 -9.45
CA TYR C 206 -18.32 -9.85 -10.23
C TYR C 206 -17.00 -10.60 -10.12
N THR C 207 -16.22 -10.54 -11.20
CA THR C 207 -14.90 -11.13 -11.24
C THR C 207 -13.91 -10.26 -10.47
N LYS C 208 -13.15 -10.91 -9.61
CA LYS C 208 -12.20 -10.24 -8.73
C LYS C 208 -10.91 -9.97 -9.50
N VAL C 209 -10.82 -8.78 -10.08
CA VAL C 209 -9.69 -8.40 -10.92
C VAL C 209 -8.32 -8.62 -10.27
N TYR C 210 -8.22 -8.34 -8.96
CA TYR C 210 -6.96 -8.55 -8.22
C TYR C 210 -6.33 -9.92 -8.45
N ASN C 211 -7.17 -10.95 -8.57
CA ASN C 211 -6.68 -12.30 -8.76
C ASN C 211 -5.96 -12.52 -10.09
N TYR C 212 -6.05 -11.55 -11.00
CA TYR C 212 -5.54 -11.71 -12.37
C TYR C 212 -4.49 -10.70 -12.79
N VAL C 213 -4.00 -9.91 -11.84
CA VAL C 213 -3.02 -8.86 -12.17
C VAL C 213 -1.74 -9.42 -12.83
N ASP C 214 -1.22 -10.50 -12.28
CA ASP C 214 -0.08 -11.18 -12.89
C ASP C 214 -0.40 -11.69 -14.30
N TRP C 215 -1.51 -12.43 -14.44
CA TRP C 215 -1.90 -12.92 -15.76
C TRP C 215 -2.05 -11.78 -16.76
N ILE C 216 -2.65 -10.66 -16.32
CA ILE C 216 -2.80 -9.51 -17.20
C ILE C 216 -1.43 -9.01 -17.66
N LYS C 217 -0.55 -8.74 -16.71
CA LYS C 217 0.80 -8.26 -17.03
C LYS C 217 1.58 -9.20 -17.96
N ASP C 218 1.61 -10.48 -17.62
CA ASP C 218 2.29 -11.45 -18.47
C ASP C 218 1.69 -11.46 -19.87
N THR C 219 0.37 -11.42 -19.95
CA THR C 219 -0.28 -11.51 -21.26
C THR C 219 0.05 -10.29 -22.13
N ILE C 220 0.03 -9.12 -21.53
CA ILE C 220 0.34 -7.92 -22.28
C ILE C 220 1.79 -7.97 -22.77
N ALA C 221 2.68 -8.45 -21.92
CA ALA C 221 4.09 -8.55 -22.26
C ALA C 221 4.35 -9.57 -23.37
N ALA C 222 3.66 -10.70 -23.31
CA ALA C 222 3.84 -11.76 -24.31
C ALA C 222 3.33 -11.32 -25.67
N ASN C 223 2.34 -10.44 -25.66
CA ASN C 223 1.75 -9.95 -26.89
C ASN C 223 2.27 -8.57 -27.23
N SER C 224 3.47 -8.27 -26.73
CA SER C 224 4.17 -7.02 -27.03
C SER C 224 4.38 -6.81 -28.53
N ILE D 1 20.18 -28.77 7.68
CA ILE D 1 18.86 -28.70 8.29
C ILE D 1 18.95 -28.10 9.68
N VAL D 2 18.25 -27.00 9.88
CA VAL D 2 18.19 -26.37 11.19
C VAL D 2 16.88 -26.79 11.85
N GLY D 3 16.97 -27.46 13.00
CA GLY D 3 15.79 -27.82 13.76
C GLY D 3 15.15 -29.15 13.40
N GLY D 4 15.89 -29.99 12.68
CA GLY D 4 15.35 -31.26 12.22
C GLY D 4 15.67 -32.39 13.17
N TYR D 5 15.57 -33.62 12.67
CA TYR D 5 15.97 -34.77 13.45
C TYR D 5 16.85 -35.67 12.57
N THR D 6 17.72 -36.46 13.18
CA THR D 6 18.52 -37.40 12.41
C THR D 6 17.64 -38.44 11.72
N CYS D 7 18.02 -38.85 10.51
CA CYS D 7 17.27 -39.85 9.76
C CYS D 7 17.74 -41.23 10.19
N GLU D 8 16.84 -42.20 10.21
CA GLU D 8 17.23 -43.58 10.46
C GLU D 8 18.32 -44.00 9.48
N GLU D 9 19.13 -44.98 9.86
CA GLU D 9 20.39 -45.25 9.19
C GLU D 9 20.39 -45.41 7.66
N ASN D 10 19.22 -45.60 7.04
CA ASN D 10 19.17 -45.68 5.57
C ASN D 10 17.79 -45.43 4.98
N SER D 11 17.03 -44.53 5.61
CA SER D 11 15.62 -44.32 5.32
C SER D 11 15.33 -43.66 3.97
N LEU D 12 16.22 -42.78 3.55
CA LEU D 12 16.04 -42.07 2.28
CA LEU D 12 16.05 -42.07 2.28
C LEU D 12 17.10 -42.52 1.26
N PRO D 13 16.82 -43.62 0.56
CA PRO D 13 17.71 -44.25 -0.42
C PRO D 13 17.93 -43.39 -1.65
N TYR D 14 17.01 -42.47 -1.92
CA TYR D 14 17.11 -41.63 -3.10
C TYR D 14 17.99 -40.40 -2.86
N GLN D 15 18.49 -40.25 -1.63
CA GLN D 15 19.29 -39.07 -1.27
C GLN D 15 20.76 -39.27 -1.62
N VAL D 16 21.25 -38.57 -2.62
CA VAL D 16 22.64 -38.69 -2.99
C VAL D 16 23.40 -37.44 -2.57
N SER D 17 24.68 -37.40 -2.88
CA SER D 17 25.51 -36.28 -2.51
C SER D 17 26.49 -35.96 -3.63
N LEU D 18 26.67 -34.67 -3.89
CA LEU D 18 27.66 -34.25 -4.87
C LEU D 18 28.98 -33.90 -4.15
N ASN D 19 30.09 -34.27 -4.77
CA ASN D 19 31.39 -34.13 -4.13
C ASN D 19 32.43 -33.63 -5.10
N SER D 20 33.30 -32.76 -4.60
CA SER D 20 34.51 -32.44 -5.34
C SER D 20 35.64 -33.13 -4.59
N GLY D 21 36.17 -32.50 -3.56
CA GLY D 21 37.07 -33.24 -2.68
C GLY D 21 36.26 -33.83 -1.56
N SER D 22 35.11 -33.20 -1.32
CA SER D 22 34.22 -33.52 -0.23
C SER D 22 32.82 -33.15 -0.63
N HIS D 23 31.88 -33.43 0.26
CA HIS D 23 30.48 -33.12 0.05
C HIS D 23 30.27 -31.60 -0.05
N PHE D 24 29.58 -31.16 -1.09
CA PHE D 24 29.28 -29.73 -1.21
C PHE D 24 27.84 -29.45 -1.59
N CYS D 25 27.12 -30.50 -2.01
CA CYS D 25 25.71 -30.38 -2.38
C CYS D 25 24.99 -31.71 -2.22
N GLY D 26 23.67 -31.65 -2.24
CA GLY D 26 22.88 -32.87 -2.24
C GLY D 26 22.26 -33.12 -3.61
N GLY D 27 21.57 -34.24 -3.75
CA GLY D 27 20.85 -34.55 -4.96
C GLY D 27 19.83 -35.66 -4.78
N SER D 28 19.01 -35.86 -5.82
CA SER D 28 18.02 -36.94 -5.82
C SER D 28 18.17 -37.87 -7.00
N LEU D 29 18.30 -39.17 -6.71
CA LEU D 29 18.32 -40.22 -7.73
C LEU D 29 16.92 -40.47 -8.27
N ILE D 30 16.67 -40.11 -9.53
CA ILE D 30 15.33 -40.25 -10.12
C ILE D 30 15.25 -41.35 -11.18
N SER D 31 16.41 -41.92 -11.49
CA SER D 31 16.55 -42.98 -12.49
C SER D 31 17.85 -43.72 -12.19
N GLU D 32 18.05 -44.87 -12.83
CA GLU D 32 19.25 -45.66 -12.56
C GLU D 32 20.51 -44.88 -12.88
N GLN D 33 20.44 -44.00 -13.88
CA GLN D 33 21.62 -43.23 -14.25
C GLN D 33 21.45 -41.70 -14.18
N TRP D 34 20.37 -41.25 -13.56
CA TRP D 34 20.15 -39.80 -13.49
C TRP D 34 19.88 -39.27 -12.11
N VAL D 35 20.47 -38.11 -11.85
CA VAL D 35 20.31 -37.40 -10.59
C VAL D 35 19.77 -36.01 -10.88
N VAL D 36 18.84 -35.54 -10.04
CA VAL D 36 18.37 -34.17 -10.08
C VAL D 36 19.10 -33.38 -9.01
N SER D 37 19.48 -32.13 -9.31
CA SER D 37 20.09 -31.26 -8.31
C SER D 37 19.82 -29.79 -8.64
N ALA D 38 20.47 -28.87 -7.91
CA ALA D 38 20.37 -27.45 -8.23
C ALA D 38 21.40 -27.02 -9.25
N ALA D 39 21.04 -26.03 -10.08
CA ALA D 39 21.95 -25.46 -11.08
C ALA D 39 23.12 -24.72 -10.43
N HIS D 40 22.87 -24.02 -9.33
CA HIS D 40 23.94 -23.29 -8.68
C HIS D 40 24.98 -24.21 -8.05
N CYS D 41 24.76 -25.52 -8.13
CA CYS D 41 25.73 -26.50 -7.64
C CYS D 41 26.62 -27.03 -8.76
N TYR D 42 26.53 -26.42 -9.94
CA TYR D 42 27.27 -26.91 -11.10
C TYR D 42 28.80 -26.84 -10.92
N LYS D 43 29.49 -27.91 -11.31
CA LYS D 43 30.95 -27.90 -11.43
C LYS D 43 31.35 -28.68 -12.69
N THR D 44 32.54 -28.40 -13.23
CA THR D 44 33.01 -29.06 -14.44
C THR D 44 33.12 -30.56 -14.23
N ARG D 45 33.64 -30.96 -13.07
CA ARG D 45 33.79 -32.38 -12.75
CA ARG D 45 33.77 -32.38 -12.75
C ARG D 45 33.27 -32.70 -11.35
N ILE D 46 32.36 -33.68 -11.26
CA ILE D 46 31.70 -34.05 -10.01
C ILE D 46 31.62 -35.56 -9.81
N GLN D 47 31.80 -35.99 -8.56
CA GLN D 47 31.54 -37.36 -8.17
C GLN D 47 30.28 -37.42 -7.34
N VAL D 48 29.38 -38.34 -7.68
CA VAL D 48 28.16 -38.57 -6.91
C VAL D 48 28.39 -39.76 -5.96
N ARG D 49 27.93 -39.63 -4.73
CA ARG D 49 28.00 -40.74 -3.79
C ARG D 49 26.60 -41.15 -3.34
N LEU D 50 26.37 -42.45 -3.19
CA LEU D 50 25.04 -42.94 -2.86
C LEU D 50 25.08 -43.96 -1.72
N GLY D 51 23.92 -44.17 -1.08
CA GLY D 51 23.81 -45.09 0.04
C GLY D 51 24.47 -44.56 1.30
N GLU D 52 24.55 -43.25 1.44
CA GLU D 52 25.26 -42.66 2.56
C GLU D 52 24.33 -42.28 3.69
N HIS D 53 24.84 -42.36 4.92
CA HIS D 53 24.15 -41.82 6.07
C HIS D 53 25.13 -40.96 6.87
N ASN D 54 26.31 -41.51 7.12
CA ASN D 54 27.36 -40.77 7.78
C ASN D 54 28.46 -40.42 6.78
N ILE D 55 28.49 -39.15 6.36
CA ILE D 55 29.45 -38.69 5.34
C ILE D 55 30.90 -38.63 5.83
N LYS D 56 31.10 -38.93 7.12
CA LYS D 56 32.42 -38.88 7.74
C LYS D 56 32.92 -40.27 8.10
N VAL D 57 32.19 -41.30 7.68
CA VAL D 57 32.51 -42.68 8.04
C VAL D 57 32.10 -43.65 6.93
N LEU D 58 32.94 -44.66 6.70
CA LEU D 58 32.57 -45.81 5.87
C LEU D 58 31.55 -46.66 6.67
N GLU D 59 31.43 -47.98 6.48
CA GLU D 59 32.11 -48.79 5.48
C GLU D 59 31.30 -48.84 4.21
N GLY D 60 29.99 -49.10 4.35
CA GLY D 60 29.11 -49.18 3.20
C GLY D 60 29.50 -50.29 2.25
N ASN D 61 28.68 -50.58 1.23
CA ASN D 61 27.38 -49.95 0.96
C ASN D 61 27.38 -48.59 0.23
N GLU D 62 28.41 -47.78 0.47
CA GLU D 62 28.54 -46.53 -0.30
C GLU D 62 28.91 -46.82 -1.75
N GLN D 63 28.25 -46.14 -2.67
CA GLN D 63 28.64 -46.18 -4.07
C GLN D 63 29.23 -44.83 -4.49
N PHE D 64 30.37 -44.88 -5.18
CA PHE D 64 30.99 -43.67 -5.72
C PHE D 64 30.93 -43.77 -7.23
N ILE D 65 30.30 -42.80 -7.87
CA ILE D 65 30.13 -42.81 -9.33
C ILE D 65 30.36 -41.43 -9.94
N ASN D 66 31.14 -41.39 -10.99
CA ASN D 66 31.46 -40.13 -11.66
C ASN D 66 30.31 -39.59 -12.50
N ALA D 67 30.16 -38.27 -12.51
CA ALA D 67 29.17 -37.63 -13.37
C ALA D 67 29.66 -37.59 -14.81
N ALA D 68 29.03 -38.38 -15.68
CA ALA D 68 29.40 -38.37 -17.10
C ALA D 68 28.91 -37.10 -17.80
N LYS D 69 27.69 -36.67 -17.51
CA LYS D 69 27.13 -35.46 -18.10
C LYS D 69 26.58 -34.55 -17.00
N ILE D 70 26.93 -33.28 -17.04
CA ILE D 70 26.41 -32.31 -16.07
C ILE D 70 25.64 -31.22 -16.81
N ILE D 71 24.31 -31.28 -16.76
CA ILE D 71 23.47 -30.42 -17.60
C ILE D 71 22.57 -29.46 -16.81
N ARG D 72 22.97 -28.19 -16.74
CA ARG D 72 22.14 -27.17 -16.14
C ARG D 72 20.94 -26.90 -17.03
N HIS D 73 19.89 -26.30 -16.46
CA HIS D 73 18.77 -25.90 -17.29
C HIS D 73 19.20 -24.77 -18.22
N PRO D 74 18.84 -24.88 -19.51
CA PRO D 74 19.19 -23.87 -20.51
C PRO D 74 18.71 -22.49 -20.09
N LYS D 75 17.61 -22.42 -19.34
CA LYS D 75 17.05 -21.14 -18.97
C LYS D 75 17.42 -20.66 -17.55
N TYR D 76 18.42 -21.30 -16.95
CA TYR D 76 18.86 -20.91 -15.61
C TYR D 76 19.47 -19.52 -15.57
N ASN D 77 19.06 -18.72 -14.59
CA ASN D 77 19.55 -17.35 -14.46
C ASN D 77 20.36 -17.18 -13.18
N ARG D 78 21.67 -16.99 -13.32
CA ARG D 78 22.57 -16.88 -12.18
C ARG D 78 22.17 -15.76 -11.23
N ASP D 79 21.43 -14.79 -11.74
CA ASP D 79 21.15 -13.58 -10.99
C ASP D 79 19.80 -13.58 -10.28
N THR D 80 18.78 -14.14 -10.92
CA THR D 80 17.47 -14.20 -10.31
C THR D 80 17.18 -15.59 -9.73
N LEU D 81 18.04 -16.54 -10.06
CA LEU D 81 17.94 -17.92 -9.58
C LEU D 81 16.72 -18.62 -10.17
N ASP D 82 16.21 -18.07 -11.25
CA ASP D 82 15.12 -18.68 -11.99
C ASP D 82 15.57 -20.00 -12.60
N ASN D 83 14.70 -21.00 -12.59
CA ASN D 83 15.03 -22.31 -13.17
C ASN D 83 16.30 -22.89 -12.55
N ASP D 84 16.36 -22.91 -11.23
CA ASP D 84 17.53 -23.45 -10.54
C ASP D 84 17.41 -24.96 -10.46
N ILE D 85 17.76 -25.63 -11.54
CA ILE D 85 17.68 -27.08 -11.58
C ILE D 85 18.74 -27.60 -12.55
N MET D 86 19.21 -28.82 -12.28
CA MET D 86 20.31 -29.37 -13.03
C MET D 86 20.15 -30.90 -13.10
N LEU D 87 20.47 -31.48 -14.24
CA LEU D 87 20.48 -32.94 -14.36
C LEU D 87 21.92 -33.47 -14.45
N ILE D 88 22.14 -34.68 -13.92
CA ILE D 88 23.45 -35.32 -14.01
C ILE D 88 23.28 -36.74 -14.50
N LYS D 89 24.13 -37.15 -15.44
CA LYS D 89 24.14 -38.54 -15.85
C LYS D 89 25.33 -39.27 -15.25
N LEU D 90 25.05 -40.34 -14.51
CA LEU D 90 26.09 -41.18 -13.94
C LEU D 90 26.81 -41.90 -15.07
N SER D 91 28.11 -42.10 -14.92
CA SER D 91 28.89 -42.70 -15.99
C SER D 91 28.66 -44.20 -16.02
N SER D 92 28.07 -44.71 -14.93
CA SER D 92 27.62 -46.10 -14.85
C SER D 92 26.36 -46.16 -13.99
N PRO D 93 25.45 -47.08 -14.32
CA PRO D 93 24.18 -47.16 -13.59
C PRO D 93 24.41 -47.54 -12.13
N ALA D 94 23.60 -46.97 -11.24
CA ALA D 94 23.72 -47.26 -9.82
C ALA D 94 23.10 -48.62 -9.51
N VAL D 95 23.78 -49.39 -8.69
CA VAL D 95 23.25 -50.63 -8.18
C VAL D 95 22.06 -50.29 -7.29
N ILE D 96 20.87 -50.71 -7.70
CA ILE D 96 19.67 -50.44 -6.93
C ILE D 96 19.51 -51.48 -5.84
N ASN D 97 19.22 -51.03 -4.62
CA ASN D 97 19.06 -51.94 -3.50
C ASN D 97 18.30 -51.32 -2.34
N ALA D 98 18.54 -51.85 -1.15
CA ALA D 98 17.81 -51.42 0.04
C ALA D 98 18.29 -50.06 0.52
N ARG D 99 19.44 -49.64 0.01
CA ARG D 99 20.08 -48.40 0.44
C ARG D 99 20.17 -47.36 -0.68
N VAL D 100 20.09 -47.82 -1.92
CA VAL D 100 20.14 -46.92 -3.06
C VAL D 100 18.95 -47.18 -3.95
N SER D 101 18.02 -46.23 -4.00
CA SER D 101 16.82 -46.39 -4.79
C SER D 101 16.35 -45.07 -5.39
N THR D 102 15.41 -45.14 -6.32
CA THR D 102 14.91 -43.94 -6.99
C THR D 102 13.68 -43.32 -6.34
N ILE D 103 13.46 -42.05 -6.66
CA ILE D 103 12.32 -41.28 -6.20
C ILE D 103 11.50 -40.88 -7.44
N SER D 104 10.19 -40.81 -7.27
CA SER D 104 9.31 -40.60 -8.41
C SER D 104 9.10 -39.12 -8.77
N LEU D 105 9.06 -38.83 -10.05
CA LEU D 105 8.70 -37.50 -10.52
C LEU D 105 7.26 -37.20 -10.13
N PRO D 106 6.91 -35.91 -10.01
CA PRO D 106 5.57 -35.49 -9.57
C PRO D 106 4.53 -35.59 -10.69
N THR D 107 3.28 -35.84 -10.31
CA THR D 107 2.19 -35.97 -11.26
C THR D 107 1.26 -34.76 -11.20
N ALA D 108 1.52 -33.90 -10.22
CA ALA D 108 0.75 -32.68 -10.04
C ALA D 108 1.55 -31.71 -9.18
N PRO D 109 1.27 -30.42 -9.30
CA PRO D 109 1.95 -29.39 -8.50
C PRO D 109 1.76 -29.63 -7.01
N PRO D 110 2.64 -29.05 -6.18
CA PRO D 110 2.52 -29.18 -4.73
C PRO D 110 1.31 -28.41 -4.29
N ALA D 111 0.72 -28.77 -3.16
CA ALA D 111 -0.49 -28.11 -2.71
C ALA D 111 -0.30 -27.51 -1.32
N ALA D 112 -0.63 -26.23 -1.17
CA ALA D 112 -0.40 -25.55 0.09
C ALA D 112 -1.02 -26.36 1.23
N GLY D 113 -0.24 -26.58 2.28
CA GLY D 113 -0.67 -27.35 3.43
C GLY D 113 -0.12 -28.76 3.52
N THR D 114 0.43 -29.25 2.41
CA THR D 114 0.98 -30.60 2.37
C THR D 114 2.25 -30.74 3.21
N GLU D 115 2.30 -31.77 4.04
CA GLU D 115 3.49 -32.07 4.82
C GLU D 115 4.58 -32.64 3.90
N CYS D 116 5.81 -32.18 4.07
CA CYS D 116 6.90 -32.62 3.22
C CYS D 116 8.12 -33.02 4.03
N LEU D 117 9.01 -33.78 3.41
CA LEU D 117 10.24 -34.19 4.06
C LEU D 117 11.47 -33.64 3.35
N ILE D 118 12.23 -32.82 4.06
CA ILE D 118 13.46 -32.24 3.51
C ILE D 118 14.68 -32.87 4.18
N SER D 119 15.73 -33.09 3.41
CA SER D 119 16.87 -33.81 3.97
C SER D 119 18.23 -33.35 3.46
N GLY D 120 19.25 -33.50 4.29
CA GLY D 120 20.62 -33.18 3.89
C GLY D 120 21.60 -33.12 5.05
N TRP D 121 22.85 -32.80 4.71
CA TRP D 121 23.90 -32.65 5.70
C TRP D 121 24.24 -31.17 5.88
N GLY D 122 23.23 -30.34 5.74
CA GLY D 122 23.40 -28.91 5.84
C GLY D 122 23.70 -28.49 7.27
N ASN D 123 24.11 -27.24 7.42
CA ASN D 123 24.35 -26.63 8.71
C ASN D 123 23.11 -26.76 9.58
N THR D 124 23.29 -26.80 10.90
CA THR D 124 22.15 -26.97 11.80
C THR D 124 21.91 -25.79 12.71
N LEU D 125 22.54 -24.66 12.42
CA LEU D 125 22.41 -23.45 13.23
C LEU D 125 22.04 -22.23 12.38
N SER D 126 21.02 -21.48 12.81
CA SER D 126 20.67 -20.23 12.13
C SER D 126 21.80 -19.21 12.23
N PHE D 127 22.52 -19.25 13.36
CA PHE D 127 23.70 -18.43 13.55
C PHE D 127 24.84 -19.32 14.04
N GLY D 128 26.03 -19.12 13.48
CA GLY D 128 27.16 -19.96 13.80
C GLY D 128 27.11 -21.24 12.99
N ALA D 129 28.15 -22.05 13.08
CA ALA D 129 28.26 -23.26 12.28
C ALA D 129 28.29 -24.51 13.13
N ASP D 130 27.54 -25.52 12.70
CA ASP D 130 27.59 -26.86 13.30
C ASP D 130 27.15 -27.88 12.26
N TYR D 131 28.07 -28.26 11.38
CA TYR D 131 27.75 -29.19 10.31
C TYR D 131 27.74 -30.62 10.83
N PRO D 132 26.69 -31.38 10.48
CA PRO D 132 26.45 -32.76 10.93
C PRO D 132 27.27 -33.83 10.19
N ASP D 133 27.48 -34.95 10.87
CA ASP D 133 28.06 -36.13 10.24
C ASP D 133 26.94 -36.95 9.62
N GLU D 134 25.85 -37.08 10.38
CA GLU D 134 24.73 -37.91 9.96
C GLU D 134 23.64 -37.12 9.23
N LEU D 135 22.87 -37.82 8.40
CA LEU D 135 21.84 -37.21 7.57
C LEU D 135 20.67 -36.71 8.41
N LYS D 136 20.26 -35.45 8.19
CA LYS D 136 19.17 -34.85 8.95
C LYS D 136 17.89 -34.77 8.14
N CYS D 137 16.76 -34.74 8.84
CA CYS D 137 15.44 -34.75 8.24
C CYS D 137 14.55 -33.66 8.82
N LEU D 138 13.69 -33.10 7.99
CA LEU D 138 12.72 -32.12 8.46
C LEU D 138 11.37 -32.32 7.81
N ASP D 139 10.33 -32.32 8.63
CA ASP D 139 8.96 -32.33 8.14
C ASP D 139 8.50 -30.88 8.10
N ALA D 140 7.93 -30.48 6.97
CA ALA D 140 7.59 -29.08 6.79
C ALA D 140 6.47 -28.91 5.77
N PRO D 141 5.64 -27.89 5.96
CA PRO D 141 4.44 -27.65 5.15
C PRO D 141 4.70 -26.79 3.92
N VAL D 142 3.94 -27.03 2.87
CA VAL D 142 4.00 -26.20 1.67
C VAL D 142 3.20 -24.92 1.90
N LEU D 143 3.88 -23.78 1.86
CA LEU D 143 3.22 -22.49 2.07
C LEU D 143 2.50 -22.02 0.81
N THR D 144 1.48 -21.18 0.98
CA THR D 144 0.76 -20.63 -0.17
C THR D 144 1.68 -19.69 -0.94
N GLN D 145 1.29 -19.39 -2.17
CA GLN D 145 2.01 -18.47 -3.03
C GLN D 145 2.07 -17.04 -2.47
N ALA D 146 1.02 -16.63 -1.78
CA ALA D 146 0.97 -15.29 -1.19
C ALA D 146 1.93 -15.18 0.00
N GLU D 147 1.94 -16.19 0.86
CA GLU D 147 2.91 -16.25 1.95
C GLU D 147 4.34 -16.26 1.43
N CYS D 148 4.53 -16.77 0.22
CA CYS D 148 5.85 -16.90 -0.35
C CYS D 148 6.32 -15.58 -0.95
N LYS D 149 5.46 -14.97 -1.76
CA LYS D 149 5.77 -13.69 -2.37
C LYS D 149 5.91 -12.56 -1.33
N ALA D 150 5.16 -12.64 -0.24
CA ALA D 150 5.25 -11.63 0.80
C ALA D 150 6.53 -11.81 1.62
N SER D 151 7.06 -13.03 1.65
CA SER D 151 8.30 -13.26 2.36
C SER D 151 9.52 -12.77 1.56
N TYR D 152 9.45 -12.83 0.23
CA TYR D 152 10.54 -12.34 -0.62
C TYR D 152 10.00 -11.45 -1.74
N PRO D 153 9.57 -10.23 -1.41
CA PRO D 153 8.89 -9.37 -2.40
C PRO D 153 9.70 -9.12 -3.64
N GLY D 154 9.11 -9.41 -4.79
CA GLY D 154 9.76 -9.19 -6.08
C GLY D 154 10.75 -10.27 -6.51
N LYS D 155 10.93 -11.28 -5.67
CA LYS D 155 12.00 -12.25 -5.88
C LYS D 155 11.52 -13.61 -6.39
N ILE D 156 10.24 -13.91 -6.22
CA ILE D 156 9.73 -15.25 -6.49
C ILE D 156 9.22 -15.44 -7.92
N THR D 157 9.95 -16.21 -8.72
CA THR D 157 9.53 -16.55 -10.07
C THR D 157 8.63 -17.80 -10.10
N ASN D 158 8.11 -18.13 -11.28
CA ASN D 158 7.22 -19.29 -11.41
C ASN D 158 7.92 -20.62 -11.13
N SER D 159 9.26 -20.62 -11.19
CA SER D 159 10.02 -21.84 -10.96
C SER D 159 10.18 -22.10 -9.48
N MET D 160 9.73 -21.16 -8.64
CA MET D 160 9.99 -21.22 -7.22
C MET D 160 8.77 -21.42 -6.34
N PHE D 161 8.99 -22.02 -5.18
CA PHE D 161 7.95 -22.08 -4.15
C PHE D 161 8.54 -22.27 -2.75
N CYS D 162 7.78 -21.87 -1.75
CA CYS D 162 8.24 -21.92 -0.36
C CYS D 162 7.71 -23.12 0.44
N VAL D 163 8.58 -23.69 1.26
CA VAL D 163 8.19 -24.71 2.24
C VAL D 163 8.86 -24.42 3.58
N GLY D 164 8.08 -24.35 4.65
CA GLY D 164 8.64 -24.14 5.96
C GLY D 164 7.71 -23.47 6.97
N PHE D 165 8.31 -22.72 7.88
CA PHE D 165 7.58 -22.11 8.98
C PHE D 165 7.86 -20.62 9.06
N LEU D 166 6.82 -19.80 8.91
CA LEU D 166 7.01 -18.34 8.97
C LEU D 166 7.62 -17.87 10.30
N GLU D 167 7.53 -18.70 11.33
CA GLU D 167 7.97 -18.35 12.67
C GLU D 167 9.46 -18.63 12.85
N GLY D 168 10.08 -19.23 11.86
CA GLY D 168 11.51 -19.51 11.90
C GLY D 168 11.86 -20.63 12.86
N GLY D 169 13.14 -21.00 12.91
CA GLY D 169 13.59 -22.08 13.77
C GLY D 169 13.77 -23.42 13.07
N LYS D 170 13.06 -23.65 11.97
CA LYS D 170 13.20 -24.89 11.21
C LYS D 170 13.28 -24.66 9.70
N ASP D 171 14.35 -25.14 9.08
CA ASP D 171 14.65 -24.80 7.69
C ASP D 171 15.82 -25.60 7.10
N SER D 172 15.92 -25.63 5.78
CA SER D 172 17.13 -26.11 5.12
C SER D 172 18.23 -25.04 5.22
N CYS D 173 19.48 -25.47 5.20
CA CYS D 173 20.59 -24.54 5.31
C CYS D 173 21.73 -24.91 4.35
N GLN D 174 22.88 -24.24 4.51
CA GLN D 174 24.03 -24.46 3.63
C GLN D 174 24.51 -25.91 3.63
N ARG D 175 24.83 -26.40 2.43
CA ARG D 175 25.19 -27.81 2.17
C ARG D 175 23.96 -28.72 1.95
N ASP D 176 22.76 -28.16 2.12
CA ASP D 176 21.50 -28.83 1.77
C ASP D 176 21.10 -28.64 0.31
N ALA D 177 21.66 -27.64 -0.37
CA ALA D 177 21.22 -27.31 -1.73
C ALA D 177 21.25 -28.50 -2.66
N GLY D 178 20.28 -28.53 -3.57
CA GLY D 178 20.21 -29.58 -4.58
C GLY D 178 19.52 -30.81 -4.05
N GLY D 179 19.31 -30.85 -2.73
CA GLY D 179 18.66 -31.97 -2.08
C GLY D 179 17.16 -32.01 -2.34
N PRO D 180 16.50 -33.06 -1.83
CA PRO D 180 15.12 -33.42 -2.15
C PRO D 180 14.08 -32.81 -1.20
N VAL D 181 12.93 -32.46 -1.76
CA VAL D 181 11.76 -32.09 -0.99
C VAL D 181 10.67 -33.04 -1.42
N VAL D 182 10.32 -33.98 -0.55
CA VAL D 182 9.45 -35.07 -0.94
C VAL D 182 8.09 -35.00 -0.28
N CYS D 183 7.04 -35.15 -1.09
CA CYS D 183 5.67 -34.99 -0.62
C CYS D 183 4.82 -36.13 -1.09
N ASN D 184 4.38 -36.97 -0.16
CA ASN D 184 3.62 -38.16 -0.50
C ASN D 184 4.30 -38.92 -1.64
N GLY D 185 5.55 -39.33 -1.42
CA GLY D 185 6.25 -40.21 -2.36
C GLY D 185 6.68 -39.63 -3.70
N GLN D 186 6.61 -38.31 -3.85
CA GLN D 186 7.09 -37.69 -5.09
C GLN D 186 8.09 -36.56 -4.84
N LEU D 187 8.99 -36.35 -5.78
CA LEU D 187 9.94 -35.25 -5.69
C LEU D 187 9.32 -33.93 -6.14
N GLN D 188 8.83 -33.15 -5.18
CA GLN D 188 8.22 -31.86 -5.48
C GLN D 188 9.22 -30.71 -5.65
N GLY D 189 10.33 -30.75 -4.92
CA GLY D 189 11.22 -29.61 -4.91
C GLY D 189 12.70 -29.87 -4.82
N VAL D 190 13.48 -28.84 -5.15
CA VAL D 190 14.93 -28.88 -5.00
C VAL D 190 15.33 -27.76 -4.06
N VAL D 191 16.11 -28.07 -3.02
CA VAL D 191 16.64 -27.04 -2.12
C VAL D 191 17.41 -26.02 -2.95
N SER D 192 17.00 -24.75 -2.85
CA SER D 192 17.58 -23.70 -3.68
C SER D 192 18.21 -22.57 -2.87
N TRP D 193 17.39 -21.68 -2.32
CA TRP D 193 17.90 -20.54 -1.57
C TRP D 193 16.96 -20.05 -0.48
N GLY D 194 17.38 -18.98 0.19
CA GLY D 194 16.58 -18.35 1.22
C GLY D 194 17.40 -17.28 1.92
N HIS D 195 16.74 -16.42 2.67
CA HIS D 195 17.47 -15.39 3.42
C HIS D 195 17.90 -15.91 4.78
N GLY D 196 19.18 -16.23 4.90
CA GLY D 196 19.69 -16.93 6.08
C GLY D 196 19.09 -18.33 6.17
N CYS D 197 19.02 -18.87 7.38
CA CYS D 197 18.47 -20.21 7.60
C CYS D 197 17.57 -20.23 8.84
N ALA D 198 16.30 -20.57 8.62
CA ALA D 198 15.32 -20.64 9.71
C ALA D 198 15.14 -19.28 10.40
N TRP D 199 15.47 -18.21 9.69
CA TRP D 199 15.19 -16.87 10.15
C TRP D 199 13.69 -16.62 10.08
N LYS D 200 13.16 -15.87 11.04
CA LYS D 200 11.73 -15.55 11.07
C LYS D 200 11.31 -14.85 9.78
N ASN D 201 10.22 -15.32 9.17
CA ASN D 201 9.71 -14.78 7.91
C ASN D 201 10.57 -15.00 6.65
N ARG D 202 11.58 -15.86 6.76
CA ARG D 202 12.39 -16.23 5.60
C ARG D 202 12.40 -17.75 5.45
N PRO D 203 11.27 -18.32 5.00
CA PRO D 203 11.18 -19.77 4.80
C PRO D 203 12.01 -20.13 3.58
N GLY D 204 12.50 -21.37 3.48
CA GLY D 204 13.29 -21.76 2.32
C GLY D 204 12.53 -21.61 1.02
N VAL D 205 13.27 -21.39 -0.06
CA VAL D 205 12.69 -21.33 -1.40
C VAL D 205 13.23 -22.53 -2.19
N TYR D 206 12.36 -23.14 -2.99
CA TYR D 206 12.68 -24.41 -3.64
C TYR D 206 12.24 -24.38 -5.08
N THR D 207 12.96 -25.10 -5.94
CA THR D 207 12.59 -25.19 -7.35
C THR D 207 11.43 -26.17 -7.52
N LYS D 208 10.42 -25.75 -8.27
CA LYS D 208 9.20 -26.52 -8.46
C LYS D 208 9.42 -27.57 -9.53
N VAL D 209 9.82 -28.77 -9.11
CA VAL D 209 10.17 -29.84 -10.04
C VAL D 209 9.08 -30.11 -11.07
N TYR D 210 7.82 -30.01 -10.65
CA TYR D 210 6.71 -30.33 -11.54
C TYR D 210 6.78 -29.60 -12.89
N ASN D 211 7.42 -28.43 -12.89
CA ASN D 211 7.50 -27.58 -14.08
C ASN D 211 8.53 -28.01 -15.09
N TYR D 212 9.28 -29.06 -14.78
CA TYR D 212 10.38 -29.47 -15.63
C TYR D 212 10.30 -30.95 -15.94
N VAL D 213 9.18 -31.56 -15.58
CA VAL D 213 9.04 -32.99 -15.81
C VAL D 213 9.33 -33.37 -17.26
N ASP D 214 8.80 -32.60 -18.20
CA ASP D 214 9.08 -32.84 -19.60
C ASP D 214 10.56 -32.67 -19.88
N TRP D 215 11.06 -31.47 -19.68
CA TRP D 215 12.48 -31.19 -19.91
C TRP D 215 13.35 -32.33 -19.36
N ILE D 216 13.00 -32.80 -18.17
CA ILE D 216 13.73 -33.91 -17.58
C ILE D 216 13.56 -35.17 -18.43
N LYS D 217 12.31 -35.55 -18.70
CA LYS D 217 12.00 -36.79 -19.43
C LYS D 217 12.66 -36.86 -20.79
N ASP D 218 12.72 -35.74 -21.50
CA ASP D 218 13.31 -35.80 -22.83
C ASP D 218 14.75 -35.31 -22.91
N THR D 219 15.28 -34.79 -21.81
CA THR D 219 16.72 -34.57 -21.73
C THR D 219 17.38 -35.91 -21.47
N ILE D 220 16.67 -36.77 -20.75
CA ILE D 220 17.09 -38.14 -20.53
C ILE D 220 17.02 -38.90 -21.86
N ALA D 221 15.95 -38.63 -22.60
CA ALA D 221 15.71 -39.30 -23.88
C ALA D 221 16.79 -38.97 -24.90
N ALA D 222 17.06 -37.68 -25.08
CA ALA D 222 18.06 -37.24 -26.06
C ALA D 222 19.47 -37.64 -25.66
N ASN D 223 19.59 -38.38 -24.56
CA ASN D 223 20.89 -38.81 -24.07
C ASN D 223 20.90 -40.28 -23.70
N SER D 224 20.25 -41.10 -24.51
CA SER D 224 20.30 -42.54 -24.37
C SER D 224 21.69 -43.04 -24.75
N GLU E 1 41.44 21.37 3.13
CA GLU E 1 40.92 20.00 3.05
C GLU E 1 39.40 20.00 2.85
N VAL E 2 38.68 19.30 3.72
CA VAL E 2 37.24 19.20 3.61
C VAL E 2 36.59 20.53 3.96
N CYS E 3 37.28 21.33 4.77
CA CYS E 3 36.68 22.55 5.25
C CYS E 3 36.72 23.69 4.23
N SER E 4 37.39 23.48 3.10
CA SER E 4 37.50 24.52 2.09
C SER E 4 36.77 24.12 0.82
N GLU E 5 36.10 22.98 0.89
CA GLU E 5 35.43 22.44 -0.27
C GLU E 5 34.19 23.29 -0.60
N GLN E 6 33.87 23.43 -1.88
CA GLN E 6 32.68 24.16 -2.25
C GLN E 6 31.41 23.44 -1.77
N ALA E 7 30.39 24.20 -1.45
CA ALA E 7 29.09 23.65 -1.12
C ALA E 7 28.49 22.92 -2.33
N GLU E 8 28.41 21.60 -2.25
CA GLU E 8 27.94 20.79 -3.38
C GLU E 8 26.57 20.15 -3.16
N THR E 9 25.59 20.52 -3.98
CA THR E 9 24.28 19.93 -3.80
C THR E 9 24.27 18.49 -4.28
N GLY E 10 25.12 18.16 -5.24
CA GLY E 10 25.15 16.82 -5.79
C GLY E 10 24.16 16.61 -6.91
N PRO E 11 24.11 15.37 -7.44
CA PRO E 11 23.29 15.02 -8.60
C PRO E 11 21.82 14.71 -8.27
N CYS E 12 21.51 14.36 -7.02
CA CYS E 12 20.14 13.98 -6.69
C CYS E 12 19.26 15.21 -6.53
N LYS E 13 17.94 15.02 -6.59
CA LYS E 13 17.03 16.17 -6.65
C LYS E 13 16.07 16.33 -5.47
N ALA E 14 16.53 15.99 -4.27
CA ALA E 14 15.78 16.30 -3.06
C ALA E 14 16.24 17.65 -2.53
N MET E 15 15.61 18.12 -1.47
CA MET E 15 16.00 19.39 -0.85
C MET E 15 16.23 19.21 0.65
N ILE E 16 17.48 19.03 1.03
CA ILE E 16 17.84 18.80 2.42
C ILE E 16 18.75 19.90 2.98
N SER E 17 18.33 20.52 4.08
CA SER E 17 19.07 21.63 4.65
C SER E 17 20.31 21.20 5.37
N ARG E 18 21.46 21.77 5.00
CA ARG E 18 22.69 21.46 5.71
C ARG E 18 23.59 22.65 5.79
N TRP E 19 24.76 22.45 6.37
CA TRP E 19 25.70 23.51 6.64
C TRP E 19 27.06 23.18 6.03
N TYR E 20 27.77 24.22 5.59
CA TYR E 20 29.12 24.07 5.09
C TYR E 20 29.93 25.24 5.62
N PHE E 21 31.23 25.07 5.69
CA PHE E 21 32.10 26.16 6.08
C PHE E 21 32.45 27.08 4.89
N ASP E 22 32.10 28.36 5.00
CA ASP E 22 32.46 29.34 3.96
C ASP E 22 33.75 30.08 4.33
N VAL E 23 34.80 29.88 3.53
CA VAL E 23 36.09 30.46 3.86
C VAL E 23 36.09 31.99 3.81
N THR E 24 35.33 32.56 2.88
CA THR E 24 35.22 34.01 2.76
C THR E 24 34.55 34.63 4.00
N GLU E 25 33.45 34.03 4.45
CA GLU E 25 32.77 34.46 5.66
C GLU E 25 33.54 34.06 6.90
N GLY E 26 34.50 33.16 6.74
CA GLY E 26 35.19 32.58 7.89
C GLY E 26 34.26 31.90 8.88
N LYS E 27 33.09 31.47 8.40
CA LYS E 27 32.13 30.77 9.26
C LYS E 27 31.19 29.86 8.46
N CYS E 28 30.31 29.17 9.18
CA CYS E 28 29.41 28.21 8.57
C CYS E 28 28.16 28.87 8.00
N ALA E 29 27.61 28.29 6.95
CA ALA E 29 26.39 28.82 6.34
C ALA E 29 25.52 27.69 5.82
N PRO E 30 24.22 27.96 5.61
CA PRO E 30 23.26 26.95 5.19
C PRO E 30 23.32 26.73 3.69
N PHE E 31 23.09 25.49 3.28
CA PHE E 31 22.88 25.20 1.86
C PHE E 31 21.91 24.03 1.70
N PHE E 32 21.40 23.87 0.49
CA PHE E 32 20.48 22.77 0.20
C PHE E 32 21.19 21.62 -0.48
N TYR E 33 21.27 20.52 0.26
CA TYR E 33 21.89 19.29 -0.24
C TYR E 33 20.86 18.52 -1.06
N GLY E 34 21.31 17.78 -2.06
CA GLY E 34 20.41 17.07 -2.96
C GLY E 34 20.07 15.64 -2.55
N GLY E 35 20.72 15.16 -1.50
CA GLY E 35 20.46 13.83 -1.02
C GLY E 35 21.57 12.82 -1.26
N CYS E 36 22.43 13.06 -2.24
CA CYS E 36 23.53 12.12 -2.50
C CYS E 36 24.77 12.82 -3.04
N GLY E 37 25.87 12.10 -3.08
CA GLY E 37 27.09 12.63 -3.66
C GLY E 37 27.57 13.85 -2.91
N GLY E 38 28.26 14.75 -3.61
CA GLY E 38 28.81 15.95 -3.01
C GLY E 38 30.13 15.69 -2.31
N ASN E 39 30.38 16.37 -1.22
CA ASN E 39 31.64 16.22 -0.49
C ASN E 39 31.41 16.35 1.01
N ARG E 40 32.48 16.30 1.82
CA ARG E 40 32.34 16.28 3.28
C ARG E 40 32.16 17.63 3.94
N ASN E 41 32.27 18.72 3.18
CA ASN E 41 31.92 20.01 3.75
C ASN E 41 30.40 20.08 3.76
N ASN E 42 29.82 19.31 4.67
CA ASN E 42 28.39 19.04 4.64
C ASN E 42 27.95 18.53 6.00
N PHE E 43 27.34 19.40 6.80
CA PHE E 43 27.10 19.11 8.21
C PHE E 43 25.65 19.27 8.57
N ASP E 44 25.18 18.45 9.50
CA ASP E 44 23.78 18.43 9.89
C ASP E 44 23.33 19.70 10.62
N THR E 45 24.19 20.22 11.49
CA THR E 45 23.85 21.39 12.27
C THR E 45 24.94 22.45 12.20
N GLU E 46 24.56 23.70 12.46
CA GLU E 46 25.54 24.77 12.47
C GLU E 46 26.64 24.49 13.49
N GLU E 47 26.24 24.26 14.74
CA GLU E 47 27.21 24.01 15.82
C GLU E 47 28.26 22.98 15.45
N TYR E 48 27.82 21.87 14.86
CA TYR E 48 28.75 20.80 14.49
C TYR E 48 29.72 21.24 13.39
N CYS E 49 29.22 22.03 12.45
CA CYS E 49 30.08 22.52 11.38
C CYS E 49 31.15 23.41 11.98
N MET E 50 30.75 24.33 12.87
CA MET E 50 31.70 25.25 13.48
C MET E 50 32.66 24.50 14.40
N ALA E 51 32.19 23.38 14.93
CA ALA E 51 33.03 22.51 15.76
C ALA E 51 34.19 21.95 14.95
N VAL E 52 33.89 21.39 13.78
CA VAL E 52 34.92 20.79 12.94
C VAL E 52 35.76 21.80 12.19
N CYS E 53 35.14 22.90 11.79
CA CYS E 53 35.80 23.85 10.90
C CYS E 53 36.12 25.20 11.51
N GLY E 54 37.13 25.85 10.95
CA GLY E 54 37.53 27.21 11.29
C GLY E 54 37.69 27.67 12.74
N SER E 55 38.35 28.83 12.87
CA SER E 55 38.35 29.61 14.09
C SER E 55 39.27 29.08 15.19
N ALA E 56 38.71 28.94 16.38
CA ALA E 56 39.42 28.43 17.54
C ALA E 56 38.39 27.94 18.55
N ILE E 57 37.57 26.97 18.13
CA ILE E 57 36.46 26.49 18.95
C ILE E 57 36.88 26.04 20.35
N GLU F 1 1.37 9.53 52.34
CA GLU F 1 0.95 10.89 52.00
C GLU F 1 0.90 11.12 50.50
N VAL F 2 1.76 12.03 50.04
CA VAL F 2 1.90 12.33 48.61
C VAL F 2 1.86 11.08 47.74
N CYS F 3 2.46 10.00 48.22
CA CYS F 3 2.61 8.82 47.40
C CYS F 3 1.56 7.75 47.69
N SER F 4 0.53 8.11 48.45
CA SER F 4 -0.56 7.17 48.73
C SER F 4 -1.93 7.75 48.44
N GLU F 5 -1.97 8.98 47.95
CA GLU F 5 -3.21 9.60 47.52
C GLU F 5 -3.79 8.83 46.35
N GLN F 6 -5.11 8.75 46.29
CA GLN F 6 -5.77 8.18 45.13
C GLN F 6 -5.51 9.06 43.90
N ALA F 7 -5.61 8.48 42.71
CA ALA F 7 -5.44 9.25 41.50
C ALA F 7 -6.69 10.10 41.31
N GLU F 8 -6.51 11.42 41.31
CA GLU F 8 -7.63 12.35 41.21
C GLU F 8 -7.62 13.12 39.90
N THR F 9 -8.70 13.00 39.12
CA THR F 9 -8.74 13.73 37.88
C THR F 9 -9.05 15.22 38.11
N GLY F 10 -9.64 15.52 39.26
CA GLY F 10 -10.03 16.89 39.56
C GLY F 10 -11.34 17.25 38.88
N PRO F 11 -11.76 18.51 39.05
CA PRO F 11 -13.01 19.09 38.57
C PRO F 11 -13.00 19.50 37.09
N CYS F 12 -11.82 19.78 36.55
CA CYS F 12 -11.75 20.25 35.16
C CYS F 12 -11.92 19.11 34.16
N LYS F 13 -12.28 19.48 32.93
CA LYS F 13 -12.69 18.50 31.93
C LYS F 13 -11.77 18.35 30.69
N ALA F 14 -10.47 18.48 30.88
CA ALA F 14 -9.53 18.10 29.83
C ALA F 14 -9.06 16.65 30.04
N MET F 15 -8.28 16.13 29.10
CA MET F 15 -7.75 14.78 29.17
C MET F 15 -6.24 14.83 29.06
N ILE F 16 -5.55 14.78 30.20
CA ILE F 16 -4.09 14.79 30.22
C ILE F 16 -3.51 13.52 30.87
N SER F 17 -2.53 12.93 30.19
CA SER F 17 -1.89 11.69 30.65
C SER F 17 -0.85 11.97 31.70
N ARG F 18 -0.99 11.29 32.85
CA ARG F 18 -0.06 11.45 33.96
C ARG F 18 0.11 10.17 34.76
N TRP F 19 1.00 10.18 35.76
CA TRP F 19 1.34 8.98 36.51
C TRP F 19 1.10 9.16 38.00
N TYR F 20 0.59 8.11 38.64
CA TYR F 20 0.46 8.08 40.08
C TYR F 20 1.05 6.77 40.61
N PHE F 21 1.55 6.78 41.84
CA PHE F 21 1.98 5.53 42.46
C PHE F 21 0.78 4.74 43.00
N ASP F 22 0.64 3.48 42.55
CA ASP F 22 -0.37 2.58 43.08
C ASP F 22 0.24 1.76 44.21
N VAL F 23 -0.35 1.84 45.40
CA VAL F 23 0.24 1.19 46.57
C VAL F 23 -0.04 -0.31 46.59
N THR F 24 -1.20 -0.71 46.06
CA THR F 24 -1.55 -2.11 45.93
C THR F 24 -0.62 -2.82 44.94
N GLU F 25 -0.25 -2.12 43.88
CA GLU F 25 0.65 -2.68 42.87
C GLU F 25 2.11 -2.23 43.04
N GLY F 26 2.42 -1.62 44.18
CA GLY F 26 3.77 -1.21 44.49
C GLY F 26 4.54 -0.53 43.37
N LYS F 27 3.82 -0.02 42.37
CA LYS F 27 4.45 0.62 41.21
C LYS F 27 3.56 1.71 40.62
N CYS F 28 4.14 2.48 39.70
CA CYS F 28 3.44 3.60 39.08
C CYS F 28 2.48 3.15 37.98
N ALA F 29 1.42 3.92 37.78
CA ALA F 29 0.46 3.66 36.71
C ALA F 29 -0.02 4.95 36.05
N PRO F 30 -0.52 4.84 34.80
CA PRO F 30 -1.08 5.98 34.08
C PRO F 30 -2.46 6.32 34.56
N PHE F 31 -2.81 7.60 34.51
CA PHE F 31 -4.21 8.02 34.64
C PHE F 31 -4.43 9.30 33.85
N PHE F 32 -5.69 9.61 33.59
CA PHE F 32 -6.05 10.86 32.93
C PHE F 32 -6.44 11.95 33.93
N TYR F 33 -5.69 13.05 33.87
CA TYR F 33 -5.90 14.19 34.75
C TYR F 33 -6.81 15.16 34.02
N GLY F 34 -7.65 15.86 34.76
CA GLY F 34 -8.61 16.78 34.14
C GLY F 34 -8.06 18.17 33.84
N GLY F 35 -6.92 18.50 34.41
CA GLY F 35 -6.32 19.79 34.10
C GLY F 35 -6.11 20.69 35.29
N CYS F 36 -6.91 20.52 36.34
CA CYS F 36 -6.76 21.35 37.52
C CYS F 36 -7.08 20.59 38.79
N GLY F 37 -6.57 21.10 39.90
CA GLY F 37 -6.86 20.50 41.19
C GLY F 37 -6.21 19.16 41.34
N GLY F 38 -6.84 18.30 42.13
CA GLY F 38 -6.31 16.99 42.40
C GLY F 38 -5.31 17.04 43.54
N ASN F 39 -4.35 16.13 43.53
CA ASN F 39 -3.37 16.05 44.59
C ASN F 39 -2.01 15.84 43.98
N ARG F 40 -1.01 15.64 44.83
CA ARG F 40 0.38 15.64 44.37
C ARG F 40 0.88 14.29 43.87
N ASN F 41 0.08 13.25 44.02
CA ASN F 41 0.45 11.97 43.45
C ASN F 41 0.11 12.02 41.96
N ASN F 42 0.86 12.85 41.25
CA ASN F 42 0.47 13.29 39.92
C ASN F 42 1.72 13.66 39.13
N PHE F 43 2.17 12.75 38.27
CA PHE F 43 3.49 12.87 37.67
C PHE F 43 3.53 12.95 36.15
N ASP F 44 4.44 13.80 35.67
CA ASP F 44 4.67 13.95 34.26
C ASP F 44 5.07 12.61 33.65
N THR F 45 6.09 11.98 34.23
CA THR F 45 6.61 10.73 33.65
C THR F 45 6.67 9.59 34.65
N GLU F 46 6.59 8.36 34.13
CA GLU F 46 6.72 7.18 34.96
C GLU F 46 8.03 7.18 35.76
N GLU F 47 9.12 7.53 35.10
CA GLU F 47 10.43 7.47 35.72
C GLU F 47 10.51 8.42 36.92
N TYR F 48 10.05 9.64 36.71
CA TYR F 48 10.02 10.61 37.79
C TYR F 48 9.12 10.15 38.93
N CYS F 49 8.08 9.41 38.58
CA CYS F 49 7.14 8.92 39.57
C CYS F 49 7.73 7.81 40.44
N MET F 50 8.34 6.80 39.80
CA MET F 50 8.97 5.70 40.54
C MET F 50 10.22 6.15 41.26
N ALA F 51 10.77 7.28 40.83
CA ALA F 51 11.87 7.91 41.53
C ALA F 51 11.41 8.39 42.90
N VAL F 52 10.35 9.20 42.91
CA VAL F 52 9.82 9.77 44.15
C VAL F 52 9.08 8.76 45.02
N CYS F 53 8.37 7.81 44.41
CA CYS F 53 7.41 7.00 45.17
C CYS F 53 7.75 5.52 45.37
N GLY F 54 8.87 5.07 44.81
CA GLY F 54 9.32 3.72 45.04
C GLY F 54 10.61 3.71 45.83
N SER F 55 11.15 2.53 46.08
CA SER F 55 12.50 2.42 46.64
C SER F 55 13.53 2.51 45.51
N ALA F 56 13.46 3.60 44.76
CA ALA F 56 14.34 3.84 43.61
C ALA F 56 14.81 5.30 43.59
N ILE F 57 15.90 5.57 42.89
CA ILE F 57 16.71 4.57 42.19
C ILE F 57 18.21 4.76 42.46
N GLU G 1 -37.34 -29.57 -24.91
CA GLU G 1 -36.77 -30.14 -26.12
C GLU G 1 -36.45 -29.08 -27.16
N VAL G 2 -35.27 -28.48 -27.04
CA VAL G 2 -34.76 -27.45 -27.95
C VAL G 2 -35.79 -26.43 -28.46
N CYS G 3 -36.70 -26.85 -29.34
CA CYS G 3 -37.58 -25.92 -30.03
C CYS G 3 -38.85 -25.51 -29.29
N SER G 4 -39.04 -26.03 -28.08
CA SER G 4 -40.25 -25.76 -27.30
C SER G 4 -39.92 -24.98 -26.03
N GLU G 5 -38.63 -24.86 -25.76
CA GLU G 5 -38.15 -24.26 -24.54
C GLU G 5 -38.40 -22.76 -24.52
N GLN G 6 -38.59 -22.20 -23.33
CA GLN G 6 -38.82 -20.77 -23.20
C GLN G 6 -37.54 -20.01 -23.52
N ALA G 7 -37.69 -18.81 -24.06
CA ALA G 7 -36.54 -17.98 -24.35
C ALA G 7 -35.90 -17.49 -23.06
N GLU G 8 -34.73 -18.05 -22.72
CA GLU G 8 -34.00 -17.66 -21.51
C GLU G 8 -32.85 -16.70 -21.82
N THR G 9 -32.79 -15.58 -21.11
CA THR G 9 -31.64 -14.71 -21.31
C THR G 9 -30.43 -15.31 -20.59
N GLY G 10 -30.68 -16.12 -19.57
CA GLY G 10 -29.62 -16.72 -18.78
C GLY G 10 -29.09 -15.75 -17.75
N PRO G 11 -28.07 -16.16 -16.99
CA PRO G 11 -27.57 -15.35 -15.86
C PRO G 11 -26.58 -14.25 -16.22
N CYS G 12 -25.86 -14.37 -17.34
CA CYS G 12 -24.84 -13.36 -17.67
C CYS G 12 -25.45 -12.11 -18.25
N LYS G 13 -24.70 -11.01 -18.16
CA LYS G 13 -25.26 -9.69 -18.37
C LYS G 13 -24.85 -9.01 -19.68
N ALA G 14 -24.64 -9.80 -20.73
CA ALA G 14 -24.50 -9.26 -22.08
C ALA G 14 -25.88 -9.07 -22.71
N MET G 15 -25.91 -8.49 -23.91
CA MET G 15 -27.16 -8.24 -24.63
C MET G 15 -26.98 -8.60 -26.09
N ILE G 16 -27.22 -9.87 -26.40
CA ILE G 16 -26.90 -10.43 -27.70
C ILE G 16 -28.16 -10.78 -28.49
N SER G 17 -28.27 -10.23 -29.70
CA SER G 17 -29.43 -10.45 -30.57
C SER G 17 -29.50 -11.90 -30.99
N ARG G 18 -30.61 -12.56 -30.65
CA ARG G 18 -30.78 -13.95 -30.99
C ARG G 18 -32.24 -14.28 -31.27
N TRP G 19 -32.49 -15.49 -31.75
CA TRP G 19 -33.84 -15.90 -32.14
C TRP G 19 -34.21 -17.20 -31.44
N TYR G 20 -35.50 -17.36 -31.19
CA TYR G 20 -36.01 -18.59 -30.58
C TYR G 20 -37.32 -18.96 -31.27
N PHE G 21 -37.73 -20.21 -31.12
CA PHE G 21 -39.00 -20.63 -31.71
C PHE G 21 -40.15 -20.52 -30.71
N ASP G 22 -41.21 -19.83 -31.13
CA ASP G 22 -42.40 -19.65 -30.32
C ASP G 22 -43.46 -20.63 -30.81
N VAL G 23 -43.80 -21.61 -29.97
CA VAL G 23 -44.74 -22.65 -30.38
C VAL G 23 -46.10 -22.06 -30.73
N THR G 24 -46.47 -21.00 -30.01
CA THR G 24 -47.77 -20.37 -30.16
C THR G 24 -47.89 -19.57 -31.45
N GLU G 25 -46.78 -18.97 -31.88
CA GLU G 25 -46.80 -18.17 -33.09
C GLU G 25 -46.57 -19.03 -34.32
N GLY G 26 -46.05 -20.24 -34.12
CA GLY G 26 -45.72 -21.12 -35.24
C GLY G 26 -44.49 -20.66 -36.01
N LYS G 27 -43.69 -19.78 -35.41
CA LYS G 27 -42.55 -19.16 -36.11
C LYS G 27 -41.55 -18.56 -35.13
N CYS G 28 -40.38 -18.22 -35.64
CA CYS G 28 -39.31 -17.69 -34.80
C CYS G 28 -39.49 -16.21 -34.45
N ALA G 29 -39.06 -15.85 -33.25
CA ALA G 29 -39.12 -14.46 -32.79
C ALA G 29 -37.79 -14.06 -32.17
N PRO G 30 -37.50 -12.77 -32.16
CA PRO G 30 -36.21 -12.28 -31.64
C PRO G 30 -36.22 -12.16 -30.12
N PHE G 31 -35.05 -12.23 -29.49
CA PHE G 31 -34.90 -11.95 -28.05
C PHE G 31 -33.46 -11.57 -27.71
N PHE G 32 -33.25 -11.08 -26.49
CA PHE G 32 -31.90 -10.72 -26.06
C PHE G 32 -31.34 -11.72 -25.06
N TYR G 33 -30.19 -12.27 -25.41
CA TYR G 33 -29.54 -13.31 -24.63
C TYR G 33 -28.34 -12.72 -23.87
N GLY G 34 -28.15 -13.15 -22.63
CA GLY G 34 -27.13 -12.60 -21.76
C GLY G 34 -25.73 -13.17 -21.93
N GLY G 35 -25.57 -14.21 -22.75
CA GLY G 35 -24.23 -14.64 -23.12
C GLY G 35 -23.72 -15.94 -22.55
N CYS G 36 -24.44 -16.50 -21.60
CA CYS G 36 -24.05 -17.79 -21.05
C CYS G 36 -25.28 -18.53 -20.56
N GLY G 37 -25.17 -19.84 -20.42
CA GLY G 37 -26.28 -20.63 -19.92
C GLY G 37 -27.49 -20.53 -20.80
N GLY G 38 -28.68 -20.56 -20.20
CA GLY G 38 -29.91 -20.59 -20.96
C GLY G 38 -30.15 -21.98 -21.52
N ASN G 39 -30.66 -22.04 -22.75
CA ASN G 39 -30.95 -23.32 -23.34
C ASN G 39 -30.73 -23.27 -24.85
N ARG G 40 -31.14 -24.33 -25.54
CA ARG G 40 -30.81 -24.52 -26.94
C ARG G 40 -31.75 -23.79 -27.91
N ASN G 41 -32.88 -23.31 -27.43
CA ASN G 41 -33.82 -22.61 -28.29
C ASN G 41 -33.35 -21.18 -28.46
N ASN G 42 -32.21 -21.05 -29.10
CA ASN G 42 -31.41 -19.84 -29.12
C ASN G 42 -30.54 -19.91 -30.36
N PHE G 43 -30.92 -19.18 -31.40
CA PHE G 43 -30.21 -19.25 -32.66
C PHE G 43 -29.70 -17.88 -33.09
N ASP G 44 -28.74 -17.87 -34.01
CA ASP G 44 -28.13 -16.62 -34.44
C ASP G 44 -29.03 -15.88 -35.43
N THR G 45 -29.90 -16.61 -36.11
CA THR G 45 -30.55 -16.13 -37.30
C THR G 45 -31.96 -16.68 -37.43
N GLU G 46 -32.90 -15.80 -37.82
CA GLU G 46 -34.30 -16.20 -38.00
C GLU G 46 -34.41 -17.36 -38.97
N GLU G 47 -33.63 -17.28 -40.05
CA GLU G 47 -33.56 -18.33 -41.05
C GLU G 47 -33.16 -19.66 -40.43
N TYR G 48 -32.04 -19.66 -39.71
CA TYR G 48 -31.54 -20.88 -39.09
C TYR G 48 -32.56 -21.44 -38.08
N CYS G 49 -33.17 -20.55 -37.30
CA CYS G 49 -34.17 -20.95 -36.33
C CYS G 49 -35.36 -21.65 -36.99
N MET G 50 -35.90 -21.05 -38.06
CA MET G 50 -36.95 -21.69 -38.84
C MET G 50 -36.48 -23.01 -39.47
N ALA G 51 -35.27 -23.02 -40.00
CA ALA G 51 -34.68 -24.27 -40.51
C ALA G 51 -34.65 -25.36 -39.44
N VAL G 52 -34.21 -25.03 -38.24
CA VAL G 52 -34.10 -26.03 -37.20
C VAL G 52 -35.44 -26.36 -36.54
N CYS G 53 -36.37 -25.42 -36.56
CA CYS G 53 -37.55 -25.53 -35.72
C CYS G 53 -38.88 -25.52 -36.45
N GLY G 54 -38.89 -25.06 -37.69
CA GLY G 54 -40.13 -24.94 -38.44
C GLY G 54 -40.68 -26.27 -38.89
N SER G 55 -41.83 -26.22 -39.59
CA SER G 55 -42.41 -27.40 -40.22
C SER G 55 -42.94 -27.09 -41.62
N ALA G 56 -42.05 -27.19 -42.61
CA ALA G 56 -42.32 -26.71 -43.97
C ALA G 56 -43.07 -27.67 -44.88
N ILE G 57 -43.47 -27.16 -46.04
CA ILE G 57 -44.27 -27.86 -47.05
C ILE G 57 -45.39 -28.74 -46.47
N GLU H 1 35.52 -1.01 -1.21
CA GLU H 1 36.50 -1.89 -1.83
C GLU H 1 36.07 -3.35 -1.71
N VAL H 2 36.61 -4.20 -2.58
CA VAL H 2 36.34 -5.64 -2.53
C VAL H 2 36.96 -6.31 -1.30
N CYS H 3 38.23 -6.00 -1.04
CA CYS H 3 38.99 -6.70 0.00
C CYS H 3 38.61 -6.36 1.44
N SER H 4 37.64 -5.47 1.61
CA SER H 4 37.24 -5.08 2.94
C SER H 4 35.89 -5.68 3.31
N GLU H 5 35.11 -6.04 2.29
CA GLU H 5 33.77 -6.60 2.53
C GLU H 5 33.73 -7.81 3.44
N GLN H 6 32.58 -8.03 4.07
CA GLN H 6 32.41 -9.16 4.99
C GLN H 6 32.24 -10.48 4.24
N ALA H 7 32.72 -11.56 4.84
CA ALA H 7 32.59 -12.90 4.25
C ALA H 7 31.13 -13.28 4.14
N GLU H 8 30.56 -13.21 2.94
CA GLU H 8 29.13 -13.50 2.74
C GLU H 8 28.84 -14.90 2.16
N THR H 9 28.07 -15.69 2.89
CA THR H 9 27.64 -17.01 2.41
C THR H 9 26.76 -16.90 1.16
N GLY H 10 25.94 -15.86 1.11
CA GLY H 10 25.03 -15.68 0.00
C GLY H 10 23.73 -16.38 0.32
N PRO H 11 22.74 -16.27 -0.57
CA PRO H 11 21.43 -16.88 -0.39
C PRO H 11 21.41 -18.37 -0.74
N CYS H 12 22.20 -18.82 -1.71
CA CYS H 12 22.12 -20.22 -2.13
C CYS H 12 22.69 -21.15 -1.07
N LYS H 13 22.46 -22.44 -1.23
CA LYS H 13 22.69 -23.34 -0.11
C LYS H 13 23.71 -24.46 -0.34
N ALA H 14 24.65 -24.22 -1.25
CA ALA H 14 25.80 -25.10 -1.35
C ALA H 14 26.77 -24.85 -0.19
N MET H 15 27.85 -25.62 -0.14
CA MET H 15 28.90 -25.44 0.86
C MET H 15 30.26 -25.52 0.20
N ILE H 16 30.70 -24.40 -0.36
CA ILE H 16 31.93 -24.37 -1.13
C ILE H 16 33.09 -23.71 -0.37
N SER H 17 34.26 -24.37 -0.41
CA SER H 17 35.48 -23.83 0.20
C SER H 17 36.00 -22.61 -0.53
N ARG H 18 36.03 -21.49 0.17
CA ARG H 18 36.48 -20.24 -0.41
C ARG H 18 37.35 -19.49 0.57
N TRP H 19 37.90 -18.37 0.09
CA TRP H 19 38.77 -17.54 0.90
C TRP H 19 38.34 -16.09 0.83
N TYR H 20 38.54 -15.37 1.94
CA TYR H 20 38.29 -13.93 1.99
C TYR H 20 39.42 -13.27 2.75
N PHE H 21 39.65 -11.99 2.46
CA PHE H 21 40.63 -11.24 3.21
C PHE H 21 40.01 -10.70 4.50
N ASP H 22 40.61 -11.02 5.64
CA ASP H 22 40.13 -10.54 6.94
C ASP H 22 40.98 -9.34 7.39
N VAL H 23 40.38 -8.16 7.45
CA VAL H 23 41.17 -6.95 7.63
C VAL H 23 41.82 -6.94 9.00
N THR H 24 41.16 -7.55 9.98
CA THR H 24 41.66 -7.65 11.35
C THR H 24 42.98 -8.42 11.46
N GLU H 25 43.08 -9.52 10.73
CA GLU H 25 44.28 -10.32 10.81
C GLU H 25 45.26 -10.03 9.68
N GLY H 26 44.89 -9.09 8.81
CA GLY H 26 45.73 -8.73 7.68
C GLY H 26 46.05 -9.93 6.81
N LYS H 27 45.20 -10.94 6.84
CA LYS H 27 45.48 -12.15 6.09
C LYS H 27 44.19 -12.77 5.57
N CYS H 28 44.34 -13.71 4.64
CA CYS H 28 43.20 -14.46 4.14
C CYS H 28 42.83 -15.58 5.09
N ALA H 29 41.53 -15.85 5.18
CA ALA H 29 41.02 -16.92 6.00
C ALA H 29 39.97 -17.68 5.22
N PRO H 30 39.62 -18.87 5.68
CA PRO H 30 38.65 -19.67 4.94
C PRO H 30 37.21 -19.38 5.36
N PHE H 31 36.28 -19.63 4.45
CA PHE H 31 34.86 -19.65 4.77
C PHE H 31 34.14 -20.47 3.73
N PHE H 32 32.91 -20.82 4.03
CA PHE H 32 32.11 -21.60 3.10
C PHE H 32 31.11 -20.71 2.41
N TYR H 33 31.11 -20.78 1.08
CA TYR H 33 30.28 -19.94 0.24
C TYR H 33 29.06 -20.76 -0.21
N GLY H 34 27.93 -20.09 -0.39
CA GLY H 34 26.68 -20.79 -0.70
C GLY H 34 26.48 -21.09 -2.16
N GLY H 35 27.29 -20.49 -3.03
CA GLY H 35 27.21 -20.79 -4.45
C GLY H 35 26.66 -19.72 -5.39
N CYS H 36 26.05 -18.68 -4.83
CA CYS H 36 25.53 -17.60 -5.67
C CYS H 36 25.49 -16.29 -4.88
N GLY H 37 25.37 -15.17 -5.60
CA GLY H 37 25.34 -13.86 -4.97
C GLY H 37 26.55 -13.66 -4.08
N GLY H 38 26.37 -12.92 -2.99
CA GLY H 38 27.47 -12.60 -2.10
C GLY H 38 28.18 -11.33 -2.54
N ASN H 39 29.50 -11.30 -2.36
CA ASN H 39 30.31 -10.17 -2.80
C ASN H 39 31.67 -10.60 -3.33
N ARG H 40 32.47 -9.64 -3.77
CA ARG H 40 33.73 -9.93 -4.44
C ARG H 40 34.86 -10.41 -3.52
N ASN H 41 34.70 -10.29 -2.21
CA ASN H 41 35.74 -10.78 -1.30
C ASN H 41 35.58 -12.28 -1.14
N ASN H 42 35.87 -12.99 -2.22
CA ASN H 42 35.48 -14.37 -2.35
C ASN H 42 36.39 -15.06 -3.39
N PHE H 43 37.42 -15.74 -2.91
CA PHE H 43 38.43 -16.29 -3.79
C PHE H 43 38.55 -17.80 -3.63
N ASP H 44 39.10 -18.43 -4.66
CA ASP H 44 39.26 -19.89 -4.72
C ASP H 44 40.36 -20.46 -3.83
N THR H 45 41.46 -19.72 -3.66
CA THR H 45 42.61 -20.20 -2.90
C THR H 45 43.08 -19.18 -1.90
N GLU H 46 43.90 -19.63 -0.96
CA GLU H 46 44.53 -18.74 0.02
C GLU H 46 45.51 -17.81 -0.67
N GLU H 47 46.32 -18.36 -1.57
CA GLU H 47 46.92 -17.52 -2.59
C GLU H 47 45.83 -17.03 -3.51
N TYR H 48 46.18 -16.30 -4.54
CA TYR H 48 45.21 -15.50 -5.25
C TYR H 48 44.55 -14.47 -4.31
N CYS H 49 43.88 -14.95 -3.26
CA CYS H 49 43.29 -14.05 -2.28
C CYS H 49 44.37 -13.12 -1.73
N MET H 50 45.49 -13.68 -1.31
CA MET H 50 46.61 -12.89 -0.84
C MET H 50 47.25 -12.10 -1.98
N ALA H 51 47.18 -12.62 -3.20
CA ALA H 51 47.71 -11.90 -4.35
C ALA H 51 46.89 -10.65 -4.63
N VAL H 52 45.58 -10.76 -4.45
CA VAL H 52 44.67 -9.65 -4.78
C VAL H 52 44.52 -8.66 -3.63
N CYS H 53 44.54 -9.18 -2.40
CA CYS H 53 44.14 -8.43 -1.23
C CYS H 53 45.26 -8.18 -0.23
N GLY H 54 46.36 -8.92 -0.36
CA GLY H 54 47.43 -8.84 0.61
C GLY H 54 48.35 -7.69 0.28
N SER H 55 47.94 -6.90 -0.71
CA SER H 55 48.75 -5.86 -1.32
C SER H 55 49.58 -5.00 -0.35
N ALA H 56 49.33 -5.13 0.95
CA ALA H 56 50.24 -4.57 1.96
C ALA H 56 51.67 -5.01 1.62
N ILE H 57 52.42 -4.10 0.98
CA ILE H 57 53.58 -4.41 0.14
C ILE H 57 53.55 -5.80 -0.53
C FMT I . 13.89 3.14 -22.90
O1 FMT I . 14.92 3.05 -22.23
O2 FMT I . 13.82 3.70 -23.99
C FMT J . 0.53 24.75 5.11
O1 FMT J . 0.58 25.00 3.90
O2 FMT J . -0.52 24.57 5.73
C FMT K . 9.21 -5.89 -10.32
O1 FMT K . 10.03 -6.28 -9.48
O2 FMT K . 9.04 -6.31 -11.47
C FMT L . 22.60 25.03 -21.03
O1 FMT L . 23.53 24.42 -20.50
O2 FMT L . 21.62 25.52 -20.44
C FMT M . -7.31 5.82 -11.37
O1 FMT M . -6.31 5.24 -11.84
O2 FMT M . -7.28 6.90 -10.76
C FMT N . 26.32 9.55 -10.03
O1 FMT N . 26.02 8.42 -10.43
O2 FMT N . 26.66 9.77 -8.87
C FMT O . 25.60 18.98 -10.17
O1 FMT O . 26.21 17.99 -9.74
O2 FMT O . 26.11 20.08 -10.40
CA CA P . -2.16 23.88 0.02
C FMT Q . -28.10 32.44 34.33
O1 FMT Q . -27.06 32.77 34.92
O2 FMT Q . -28.89 33.23 33.82
C FMT R . -12.48 24.60 42.37
O1 FMT R . -13.22 23.63 42.53
O2 FMT R . -12.88 25.75 42.41
C FMT S . -30.01 22.58 43.96
O1 FMT S . -30.54 22.96 45.01
O2 FMT S . -29.09 21.78 43.86
C FMT T . -10.74 42.02 30.43
O1 FMT T . -11.51 41.11 30.09
O2 FMT T . -9.55 41.90 30.78
C FMT U . -34.50 29.04 41.58
O1 FMT U . -34.85 27.91 41.23
O2 FMT U . -34.73 30.09 40.96
CA CA V . -12.17 12.73 11.26
C FMT W . -13.98 -10.00 -0.09
O1 FMT W . -14.27 -10.24 -1.27
O2 FMT W . -14.75 -9.53 0.74
CA CA X . -21.68 7.12 -29.56
CA CA Y . 30.17 -42.15 3.83
#